data_1BXK
#
_entry.id   1BXK
#
_cell.length_a   68.400
_cell.length_b   109.200
_cell.length_c   128.700
_cell.angle_alpha   90.00
_cell.angle_beta   90.00
_cell.angle_gamma   90.00
#
_symmetry.space_group_name_H-M   'P 21 21 21'
#
loop_
_entity.id
_entity.type
_entity.pdbx_description
1 polymer 'PROTEIN (DTDP-GLUCOSE 4,6-DEHYDRATASE)'
2 non-polymer NICOTINAMIDE-ADENINE-DINUCLEOTIDE
3 water water
#
_entity_poly.entity_id   1
_entity_poly.type   'polypeptide(L)'
_entity_poly.pdbx_seq_one_letter_code
;MRKILITGGAGFIGSALVRYIINETSDAVVVVDKLTYAGNLMSLAPVAQSERFAFEKVDICDRAELARVFTEHQPDCVMH
LAAESHVDRSIDGPAAFIETNIVGTYTLLEAARAYWNALTEDKKSAFRFHHISTDEVYGDLHSTDDFFTETTPYAPSSPY
SASKASSDHLVRAWLRTYGLPTLITNCSNNYGPYHFPEKLIPLMILNALAGKSLPVYGNGQQIRDWLYVEDHARALYCVA
TTGKVGETYNIGGHNERKNLDVVETICELLEELAPNKPHGVAHYRDLITFVADRPGHDLRYAIDASKIARELGCVPQETF
ESGMRKTVQWYLANESWWKQVQDGSYQGERLGLKG
;
_entity_poly.pdbx_strand_id   A,B
#
# COMPACT_ATOMS: atom_id res chain seq x y z
N MET A 1 27.03 -17.36 -15.17
CA MET A 1 26.35 -16.18 -15.61
C MET A 1 24.91 -16.18 -15.14
N ARG A 2 24.53 -15.02 -14.62
CA ARG A 2 23.22 -14.78 -14.09
C ARG A 2 22.25 -14.46 -15.20
N LYS A 3 21.02 -14.90 -15.00
CA LYS A 3 19.94 -14.63 -15.89
C LYS A 3 18.99 -13.76 -15.10
N ILE A 4 18.96 -12.49 -15.46
CA ILE A 4 18.11 -11.52 -14.77
C ILE A 4 16.84 -11.18 -15.51
N LEU A 5 15.75 -11.28 -14.79
CA LEU A 5 14.46 -10.98 -15.35
C LEU A 5 14.12 -9.56 -14.99
N ILE A 6 13.94 -8.71 -16.01
CA ILE A 6 13.63 -7.31 -15.80
C ILE A 6 12.26 -6.95 -16.29
N THR A 7 11.41 -6.49 -15.39
CA THR A 7 10.11 -6.07 -15.82
C THR A 7 10.24 -4.59 -16.19
N GLY A 8 9.45 -4.10 -17.17
CA GLY A 8 9.52 -2.72 -17.63
C GLY A 8 10.84 -2.40 -18.34
N GLY A 9 11.44 -3.47 -18.85
CA GLY A 9 12.75 -3.37 -19.51
C GLY A 9 12.82 -2.48 -20.77
N ALA A 10 11.65 -2.17 -21.32
CA ALA A 10 11.58 -1.33 -22.54
C ALA A 10 11.23 0.09 -22.18
N GLY A 11 11.23 0.41 -20.89
CA GLY A 11 10.90 1.73 -20.44
C GLY A 11 12.16 2.56 -20.40
N PHE A 12 12.04 3.77 -19.85
CA PHE A 12 13.18 4.66 -19.78
C PHE A 12 14.33 4.10 -18.95
N ILE A 13 14.06 3.92 -17.63
CA ILE A 13 15.14 3.39 -16.77
C ILE A 13 15.49 1.94 -17.13
N GLY A 14 14.44 1.15 -17.34
CA GLY A 14 14.65 -0.24 -17.67
C GLY A 14 15.54 -0.49 -18.88
N SER A 15 15.35 0.28 -19.94
CA SER A 15 16.13 0.06 -21.13
C SER A 15 17.59 0.41 -20.88
N ALA A 16 17.82 1.45 -20.07
CA ALA A 16 19.20 1.80 -19.76
C ALA A 16 19.90 0.68 -18.98
N LEU A 17 19.12 -0.03 -18.14
CA LEU A 17 19.65 -1.12 -17.34
C LEU A 17 19.99 -2.30 -18.22
N VAL A 18 19.07 -2.58 -19.17
CA VAL A 18 19.31 -3.67 -20.10
C VAL A 18 20.56 -3.43 -20.92
N ARG A 19 20.67 -2.19 -21.38
CA ARG A 19 21.87 -1.93 -22.18
C ARG A 19 23.16 -2.10 -21.38
N TYR A 20 23.10 -1.67 -20.14
CA TYR A 20 24.27 -1.76 -19.32
C TYR A 20 24.66 -3.20 -19.11
N ILE A 21 23.67 -4.06 -18.82
CA ILE A 21 24.00 -5.45 -18.57
C ILE A 21 24.63 -6.12 -19.76
N ILE A 22 24.03 -5.88 -20.90
CA ILE A 22 24.60 -6.53 -22.08
C ILE A 22 25.97 -5.94 -22.42
N ASN A 23 26.03 -4.65 -22.41
CA ASN A 23 27.31 -4.05 -22.76
C ASN A 23 28.45 -4.17 -21.80
N GLU A 24 28.16 -4.02 -20.53
CA GLU A 24 29.24 -4.04 -19.58
C GLU A 24 29.26 -5.21 -18.65
N THR A 25 28.45 -6.24 -18.85
CA THR A 25 28.51 -7.39 -18.00
C THR A 25 28.53 -8.60 -18.88
N SER A 26 28.57 -9.78 -18.24
CA SER A 26 28.57 -11.04 -18.95
C SER A 26 27.29 -11.78 -18.66
N ASP A 27 26.40 -11.04 -18.02
CA ASP A 27 25.13 -11.63 -17.66
C ASP A 27 24.12 -11.59 -18.79
N ALA A 28 23.04 -12.31 -18.58
CA ALA A 28 21.93 -12.39 -19.52
C ALA A 28 20.69 -11.75 -18.96
N VAL A 29 19.75 -11.39 -19.84
CA VAL A 29 18.49 -10.81 -19.43
C VAL A 29 17.27 -11.37 -20.18
N VAL A 30 16.15 -11.30 -19.49
CA VAL A 30 14.83 -11.66 -19.99
C VAL A 30 13.94 -10.50 -19.61
N VAL A 31 13.57 -9.74 -20.63
CA VAL A 31 12.75 -8.56 -20.47
C VAL A 31 11.31 -8.96 -20.54
N VAL A 32 10.56 -8.46 -19.57
CA VAL A 32 9.12 -8.70 -19.48
C VAL A 32 8.46 -7.35 -19.54
N ASP A 33 7.87 -7.04 -20.71
CA ASP A 33 7.21 -5.76 -20.92
C ASP A 33 6.01 -5.93 -21.86
N LYS A 34 4.86 -5.39 -21.45
CA LYS A 34 3.64 -5.50 -22.21
C LYS A 34 3.59 -4.49 -23.35
N LEU A 35 4.52 -3.56 -23.33
CA LEU A 35 4.65 -2.48 -24.30
C LEU A 35 3.49 -1.50 -24.33
N THR A 36 3.28 -0.74 -23.29
CA THR A 36 2.24 0.27 -23.30
C THR A 36 2.82 1.48 -24.04
N TYR A 37 2.15 2.65 -24.00
CA TYR A 37 2.63 3.87 -24.62
C TYR A 37 4.04 4.21 -24.15
N ALA A 38 4.42 3.76 -22.94
CA ALA A 38 5.71 4.11 -22.34
C ALA A 38 6.85 3.27 -22.80
N GLY A 39 6.53 2.13 -23.38
CA GLY A 39 7.53 1.18 -23.86
C GLY A 39 7.96 1.49 -25.28
N ASN A 40 9.22 1.21 -25.59
CA ASN A 40 9.84 1.46 -26.87
C ASN A 40 10.92 0.46 -27.24
N LEU A 41 10.58 -0.46 -28.13
CA LEU A 41 11.55 -1.46 -28.52
C LEU A 41 12.82 -0.92 -29.12
N MET A 42 12.71 0.28 -29.60
CA MET A 42 13.85 0.91 -30.28
C MET A 42 14.96 1.29 -29.29
N SER A 43 14.56 1.46 -28.02
CA SER A 43 15.51 1.80 -26.97
C SER A 43 16.32 0.56 -26.60
N LEU A 44 15.88 -0.61 -27.10
CA LEU A 44 16.53 -1.90 -26.88
C LEU A 44 17.34 -2.40 -28.07
N ALA A 45 17.07 -1.82 -29.21
CA ALA A 45 17.70 -2.20 -30.46
C ALA A 45 19.21 -2.40 -30.42
N PRO A 46 19.90 -1.45 -29.83
CA PRO A 46 21.33 -1.50 -29.74
C PRO A 46 21.89 -2.78 -29.18
N VAL A 47 21.12 -3.50 -28.34
CA VAL A 47 21.64 -4.74 -27.73
C VAL A 47 20.81 -5.98 -27.97
N ALA A 48 19.70 -5.80 -28.66
CA ALA A 48 18.75 -6.85 -28.96
C ALA A 48 19.30 -8.03 -29.71
N GLN A 49 20.46 -7.85 -30.30
CA GLN A 49 21.00 -8.96 -31.04
C GLN A 49 21.88 -9.89 -30.26
N SER A 50 22.11 -9.57 -28.99
CA SER A 50 22.93 -10.45 -28.17
C SER A 50 22.18 -11.76 -27.90
N GLU A 51 22.91 -12.86 -27.77
CA GLU A 51 22.30 -14.13 -27.41
C GLU A 51 21.92 -14.14 -25.92
N ARG A 52 22.40 -13.12 -25.20
CA ARG A 52 22.15 -12.92 -23.79
C ARG A 52 20.91 -12.07 -23.58
N PHE A 53 20.24 -11.76 -24.69
CA PHE A 53 19.02 -10.99 -24.66
C PHE A 53 17.79 -11.82 -25.02
N ALA A 54 16.71 -11.59 -24.29
CA ALA A 54 15.43 -12.24 -24.51
C ALA A 54 14.29 -11.28 -24.20
N PHE A 55 13.23 -11.33 -24.99
CA PHE A 55 12.11 -10.45 -24.77
C PHE A 55 10.82 -11.23 -24.67
N GLU A 56 10.02 -10.86 -23.68
CA GLU A 56 8.72 -11.48 -23.46
C GLU A 56 7.71 -10.38 -23.28
N LYS A 57 6.77 -10.29 -24.25
CA LYS A 57 5.72 -9.27 -24.24
C LYS A 57 4.60 -9.79 -23.35
N VAL A 58 4.78 -9.60 -22.05
CA VAL A 58 3.87 -10.15 -21.06
C VAL A 58 3.49 -9.08 -20.06
N ASP A 59 2.25 -9.13 -19.62
CA ASP A 59 1.75 -8.24 -18.60
C ASP A 59 1.99 -8.93 -17.24
N ILE A 60 2.59 -8.19 -16.32
CA ILE A 60 2.91 -8.68 -14.99
C ILE A 60 1.64 -9.06 -14.24
N CYS A 61 0.50 -8.65 -14.77
CA CYS A 61 -0.77 -8.98 -14.13
C CYS A 61 -1.31 -10.30 -14.62
N ASP A 62 -0.60 -10.91 -15.58
CA ASP A 62 -1.07 -12.17 -16.09
C ASP A 62 -0.37 -13.33 -15.41
N ARG A 63 -1.01 -13.89 -14.38
CA ARG A 63 -0.46 -14.99 -13.60
C ARG A 63 0.04 -16.19 -14.43
N ALA A 64 -0.74 -16.61 -15.44
CA ALA A 64 -0.43 -17.75 -16.28
C ALA A 64 0.80 -17.53 -17.12
N GLU A 65 0.85 -16.35 -17.74
CA GLU A 65 2.00 -16.01 -18.56
C GLU A 65 3.27 -15.86 -17.73
N LEU A 66 3.13 -15.25 -16.53
CA LEU A 66 4.31 -15.11 -15.66
C LEU A 66 4.82 -16.47 -15.27
N ALA A 67 3.85 -17.36 -14.97
CA ALA A 67 4.25 -18.69 -14.60
C ALA A 67 5.04 -19.29 -15.75
N ARG A 68 4.58 -19.05 -16.95
CA ARG A 68 5.28 -19.66 -18.06
C ARG A 68 6.69 -19.11 -18.21
N VAL A 69 6.79 -17.80 -18.09
CA VAL A 69 8.11 -17.19 -18.24
C VAL A 69 9.16 -17.65 -17.22
N PHE A 70 8.77 -17.71 -15.95
CA PHE A 70 9.71 -18.14 -14.92
C PHE A 70 10.14 -19.56 -15.15
N THR A 71 9.17 -20.36 -15.52
CA THR A 71 9.48 -21.74 -15.74
C THR A 71 10.39 -21.96 -16.93
N GLU A 72 10.14 -21.18 -17.97
CA GLU A 72 10.87 -21.33 -19.23
C GLU A 72 12.28 -20.74 -19.23
N HIS A 73 12.45 -19.58 -18.58
CA HIS A 73 13.74 -18.92 -18.58
C HIS A 73 14.63 -19.16 -17.36
N GLN A 74 14.00 -19.53 -16.23
CA GLN A 74 14.63 -19.75 -14.94
C GLN A 74 15.62 -18.69 -14.54
N PRO A 75 15.09 -17.54 -14.23
CA PRO A 75 15.95 -16.46 -13.85
C PRO A 75 16.56 -16.75 -12.48
N ASP A 76 17.66 -16.09 -12.22
CA ASP A 76 18.38 -16.18 -10.96
C ASP A 76 18.04 -14.99 -10.12
N CYS A 77 17.54 -13.96 -10.78
CA CYS A 77 17.24 -12.72 -10.08
C CYS A 77 16.09 -12.02 -10.79
N VAL A 78 15.37 -11.21 -10.05
CA VAL A 78 14.28 -10.43 -10.63
C VAL A 78 14.48 -8.97 -10.29
N MET A 79 14.40 -8.08 -11.31
CA MET A 79 14.50 -6.63 -11.15
C MET A 79 13.16 -6.05 -11.64
N HIS A 80 12.38 -5.48 -10.74
CA HIS A 80 11.04 -5.05 -11.06
C HIS A 80 10.87 -3.58 -11.21
N LEU A 81 10.92 -3.15 -12.45
CA LEU A 81 10.73 -1.74 -12.74
C LEU A 81 9.39 -1.42 -13.42
N ALA A 82 8.58 -2.41 -13.80
CA ALA A 82 7.30 -2.06 -14.46
C ALA A 82 6.36 -1.32 -13.55
N ALA A 83 5.84 -0.19 -14.04
CA ALA A 83 4.89 0.65 -13.32
C ALA A 83 4.13 1.54 -14.30
N GLU A 84 2.98 2.01 -13.87
CA GLU A 84 2.13 2.88 -14.66
C GLU A 84 2.12 4.26 -14.03
N SER A 85 2.63 5.25 -14.78
CA SER A 85 2.70 6.62 -14.29
C SER A 85 1.42 7.40 -14.51
N HIS A 86 0.56 6.96 -15.42
CA HIS A 86 -0.62 7.73 -15.65
C HIS A 86 -1.71 7.34 -14.72
N VAL A 87 -2.33 8.39 -14.19
CA VAL A 87 -3.47 8.22 -13.34
C VAL A 87 -4.72 8.72 -14.10
N ASP A 88 -5.62 7.79 -14.47
CA ASP A 88 -6.86 8.10 -15.16
C ASP A 88 -8.01 7.52 -14.40
N ARG A 89 -9.18 8.14 -14.58
CA ARG A 89 -10.39 7.66 -13.98
C ARG A 89 -10.70 6.29 -14.55
N SER A 90 -11.61 5.56 -13.88
CA SER A 90 -12.02 4.24 -14.29
C SER A 90 -13.36 3.92 -13.65
N ILE A 91 -14.38 3.78 -14.50
CA ILE A 91 -15.77 3.60 -14.10
C ILE A 91 -16.13 2.14 -13.89
N ASP A 92 -15.27 1.25 -14.35
CA ASP A 92 -15.43 -0.18 -14.19
C ASP A 92 -14.06 -0.80 -13.93
N GLY A 93 -13.86 -1.24 -12.71
CA GLY A 93 -12.63 -1.87 -12.34
C GLY A 93 -11.60 -0.84 -12.00
N PRO A 94 -10.49 -1.30 -11.47
CA PRO A 94 -9.44 -0.40 -11.07
C PRO A 94 -8.73 0.19 -12.29
N ALA A 95 -8.20 1.40 -12.11
CA ALA A 95 -7.45 2.06 -13.14
C ALA A 95 -6.13 1.31 -13.26
N ALA A 96 -5.45 1.50 -14.39
CA ALA A 96 -4.22 0.81 -14.69
C ALA A 96 -3.12 1.00 -13.64
N PHE A 97 -2.99 2.20 -13.10
CA PHE A 97 -1.95 2.52 -12.11
C PHE A 97 -2.15 1.64 -10.88
N ILE A 98 -3.40 1.37 -10.54
CA ILE A 98 -3.72 0.52 -9.42
C ILE A 98 -3.43 -0.94 -9.74
N GLU A 99 -3.94 -1.32 -10.89
CA GLU A 99 -3.81 -2.68 -11.33
C GLU A 99 -2.40 -3.09 -11.54
N THR A 100 -1.67 -2.27 -12.28
CA THR A 100 -0.28 -2.60 -12.58
C THR A 100 0.62 -2.38 -11.39
N ASN A 101 0.50 -1.24 -10.71
CA ASN A 101 1.41 -0.92 -9.64
C ASN A 101 1.22 -1.78 -8.40
N ILE A 102 -0.02 -2.03 -8.06
CA ILE A 102 -0.24 -2.80 -6.86
C ILE A 102 -0.55 -4.24 -7.14
N VAL A 103 -1.65 -4.47 -7.88
CA VAL A 103 -2.01 -5.83 -8.19
C VAL A 103 -0.89 -6.53 -8.96
N GLY A 104 -0.25 -5.78 -9.83
CA GLY A 104 0.81 -6.42 -10.57
C GLY A 104 2.03 -6.77 -9.72
N THR A 105 2.37 -5.96 -8.73
CA THR A 105 3.52 -6.30 -7.88
C THR A 105 3.21 -7.57 -7.08
N TYR A 106 1.96 -7.67 -6.61
CA TYR A 106 1.52 -8.85 -5.91
C TYR A 106 1.60 -10.09 -6.76
N THR A 107 1.22 -9.94 -8.03
CA THR A 107 1.22 -11.05 -8.95
C THR A 107 2.58 -11.59 -9.19
N LEU A 108 3.49 -10.61 -9.43
CA LEU A 108 4.87 -10.96 -9.64
C LEU A 108 5.49 -11.62 -8.42
N LEU A 109 5.22 -11.04 -7.22
CA LEU A 109 5.72 -11.61 -5.95
C LEU A 109 5.28 -13.05 -5.80
N GLU A 110 4.00 -13.30 -6.06
CA GLU A 110 3.52 -14.66 -5.97
C GLU A 110 4.11 -15.56 -7.02
N ALA A 111 4.33 -15.05 -8.23
CA ALA A 111 4.92 -15.92 -9.24
C ALA A 111 6.38 -16.24 -8.87
N ALA A 112 7.08 -15.23 -8.36
CA ALA A 112 8.43 -15.50 -7.98
C ALA A 112 8.47 -16.51 -6.80
N ARG A 113 7.54 -16.36 -5.85
CA ARG A 113 7.47 -17.23 -4.68
C ARG A 113 7.33 -18.67 -5.08
N ALA A 114 6.34 -18.91 -5.91
CA ALA A 114 6.14 -20.24 -6.44
C ALA A 114 7.37 -20.79 -7.12
N TYR A 115 8.08 -19.93 -7.81
CA TYR A 115 9.24 -20.45 -8.46
C TYR A 115 10.36 -20.75 -7.48
N TRP A 116 10.68 -19.78 -6.64
CA TRP A 116 11.75 -19.91 -5.68
C TRP A 116 11.48 -21.07 -4.70
N ASN A 117 10.24 -21.19 -4.30
CA ASN A 117 9.94 -22.28 -3.39
C ASN A 117 10.34 -23.62 -3.93
N ALA A 118 10.39 -23.74 -5.23
CA ALA A 118 10.78 -25.02 -5.74
C ALA A 118 12.25 -25.09 -6.14
N LEU A 119 13.03 -24.05 -5.87
CA LEU A 119 14.41 -24.13 -6.28
C LEU A 119 15.24 -24.97 -5.33
N THR A 120 16.41 -25.40 -5.79
CA THR A 120 17.28 -26.13 -4.90
C THR A 120 17.82 -25.13 -3.87
N GLU A 121 17.97 -25.63 -2.66
CA GLU A 121 18.46 -24.85 -1.54
C GLU A 121 19.56 -23.86 -1.93
N ASP A 122 20.51 -24.32 -2.72
CA ASP A 122 21.61 -23.47 -3.11
C ASP A 122 21.21 -22.30 -3.96
N LYS A 123 20.32 -22.59 -4.91
CA LYS A 123 19.82 -21.60 -5.83
C LYS A 123 18.84 -20.67 -5.12
N LYS A 124 18.09 -21.29 -4.23
CA LYS A 124 17.13 -20.63 -3.39
C LYS A 124 17.71 -19.49 -2.57
N SER A 125 18.87 -19.72 -2.01
CA SER A 125 19.47 -18.70 -1.18
C SER A 125 20.12 -17.59 -1.99
N ALA A 126 20.52 -17.94 -3.22
CA ALA A 126 21.17 -16.99 -4.11
C ALA A 126 20.16 -16.12 -4.86
N PHE A 127 18.92 -16.54 -4.88
CA PHE A 127 17.88 -15.78 -5.54
C PHE A 127 17.63 -14.41 -4.95
N ARG A 128 17.38 -13.43 -5.84
CA ARG A 128 17.09 -12.07 -5.40
C ARG A 128 15.90 -11.46 -6.11
N PHE A 129 15.08 -10.73 -5.36
CA PHE A 129 13.91 -10.01 -5.86
C PHE A 129 14.09 -8.56 -5.55
N HIS A 130 14.56 -7.80 -6.53
CA HIS A 130 14.84 -6.38 -6.34
C HIS A 130 13.72 -5.52 -6.85
N HIS A 131 13.18 -4.71 -5.97
CA HIS A 131 12.09 -3.83 -6.29
C HIS A 131 12.48 -2.38 -6.37
N ILE A 132 12.00 -1.73 -7.43
CA ILE A 132 12.28 -0.33 -7.66
C ILE A 132 11.12 0.53 -7.22
N SER A 133 11.42 1.55 -6.47
CA SER A 133 10.38 2.42 -6.02
C SER A 133 10.75 3.88 -6.34
N THR A 134 10.01 4.84 -5.76
CA THR A 134 10.30 6.25 -5.94
C THR A 134 10.41 7.04 -4.60
N ASP A 135 11.20 8.09 -4.59
CA ASP A 135 11.32 8.91 -3.39
C ASP A 135 10.04 9.69 -3.08
N GLU A 136 9.03 9.57 -3.92
CA GLU A 136 7.80 10.29 -3.64
C GLU A 136 6.99 9.66 -2.52
N VAL A 137 7.38 8.46 -2.11
CA VAL A 137 6.73 7.74 -1.02
C VAL A 137 6.98 8.45 0.31
N TYR A 138 8.12 9.12 0.40
CA TYR A 138 8.57 9.88 1.55
C TYR A 138 7.73 11.12 1.80
N GLY A 139 7.02 11.58 0.78
CA GLY A 139 6.22 12.79 0.88
C GLY A 139 7.01 14.12 0.80
N ASP A 140 6.63 15.10 1.64
CA ASP A 140 7.23 16.43 1.70
C ASP A 140 8.33 16.59 2.74
N LEU A 141 9.22 17.51 2.44
CA LEU A 141 10.32 17.92 3.29
C LEU A 141 9.88 19.24 3.93
N HIS A 142 10.14 19.36 5.21
CA HIS A 142 9.70 20.51 6.02
C HIS A 142 10.68 21.65 6.20
N SER A 143 11.94 21.36 5.96
CA SER A 143 12.96 22.39 5.97
C SER A 143 13.63 22.61 4.61
N THR A 144 14.84 23.19 4.65
CA THR A 144 15.67 23.46 3.49
C THR A 144 17.06 22.89 3.77
N ASP A 145 17.11 22.03 4.76
CA ASP A 145 18.33 21.40 5.22
C ASP A 145 18.11 19.92 5.53
N ASP A 146 16.90 19.47 5.27
CA ASP A 146 16.50 18.09 5.49
C ASP A 146 16.48 17.32 4.17
N PHE A 147 16.89 16.07 4.23
CA PHE A 147 16.96 15.17 3.09
C PHE A 147 16.18 13.88 3.33
N PHE A 148 15.86 13.16 2.27
CA PHE A 148 15.16 11.90 2.40
C PHE A 148 16.15 10.79 2.66
N THR A 149 15.88 10.06 3.72
CA THR A 149 16.76 8.94 4.06
C THR A 149 15.93 7.69 4.03
N GLU A 150 16.63 6.57 4.01
CA GLU A 150 15.91 5.29 3.97
C GLU A 150 14.97 5.14 5.13
N THR A 151 15.11 5.99 6.09
CA THR A 151 14.29 5.74 7.25
C THR A 151 13.23 6.77 7.47
N THR A 152 13.13 7.69 6.54
CA THR A 152 12.09 8.69 6.59
C THR A 152 10.71 8.01 6.51
N PRO A 153 9.73 8.44 7.30
CA PRO A 153 8.42 7.81 7.27
C PRO A 153 7.66 8.06 5.97
N TYR A 154 6.92 7.07 5.58
CA TYR A 154 6.18 7.21 4.36
C TYR A 154 5.00 8.11 4.54
N ALA A 155 4.76 8.98 3.56
CA ALA A 155 3.63 9.87 3.56
C ALA A 155 3.28 10.26 2.12
N PRO A 156 2.92 9.28 1.33
CA PRO A 156 2.57 9.50 -0.07
C PRO A 156 1.39 10.44 -0.23
N SER A 157 1.58 11.51 -1.00
CA SER A 157 0.55 12.52 -1.21
C SER A 157 -0.34 12.32 -2.43
N SER A 158 0.10 11.56 -3.44
CA SER A 158 -0.66 11.32 -4.66
C SER A 158 -1.06 9.87 -4.91
N PRO A 159 -2.02 9.69 -5.80
CA PRO A 159 -2.48 8.35 -6.14
C PRO A 159 -1.38 7.47 -6.66
N TYR A 160 -0.52 8.08 -7.42
CA TYR A 160 0.55 7.31 -7.94
C TYR A 160 1.54 6.96 -6.81
N SER A 161 1.97 7.97 -6.03
CA SER A 161 2.93 7.69 -4.97
C SER A 161 2.33 6.70 -3.99
N ALA A 162 1.03 6.85 -3.76
CA ALA A 162 0.32 5.92 -2.94
C ALA A 162 0.40 4.51 -3.50
N SER A 163 0.31 4.38 -4.83
CA SER A 163 0.35 3.07 -5.44
C SER A 163 1.74 2.44 -5.33
N LYS A 164 2.76 3.29 -5.43
CA LYS A 164 4.14 2.84 -5.31
C LYS A 164 4.46 2.38 -3.85
N ALA A 165 4.01 3.16 -2.87
CA ALA A 165 4.19 2.90 -1.43
C ALA A 165 3.58 1.56 -1.10
N SER A 166 2.39 1.35 -1.62
CA SER A 166 1.70 0.10 -1.43
C SER A 166 2.55 -1.04 -1.94
N SER A 167 3.12 -0.84 -3.11
CA SER A 167 3.93 -1.92 -3.68
C SER A 167 5.14 -2.24 -2.78
N ASP A 168 5.74 -1.19 -2.26
CA ASP A 168 6.88 -1.32 -1.38
C ASP A 168 6.50 -2.18 -0.19
N HIS A 169 5.32 -1.91 0.36
CA HIS A 169 4.85 -2.67 1.51
C HIS A 169 4.74 -4.14 1.22
N LEU A 170 4.19 -4.48 0.08
CA LEU A 170 4.04 -5.88 -0.23
C LEU A 170 5.37 -6.57 -0.35
N VAL A 171 6.34 -5.89 -0.95
CA VAL A 171 7.65 -6.49 -1.13
C VAL A 171 8.30 -6.85 0.21
N ARG A 172 8.19 -5.92 1.17
CA ARG A 172 8.76 -6.08 2.50
C ARG A 172 8.07 -7.21 3.23
N ALA A 173 6.75 -7.19 3.17
CA ALA A 173 5.96 -8.23 3.78
C ALA A 173 6.23 -9.60 3.25
N TRP A 174 6.65 -9.72 1.98
CA TRP A 174 6.84 -11.03 1.46
C TRP A 174 8.06 -11.66 2.11
N LEU A 175 9.02 -10.81 2.37
CA LEU A 175 10.23 -11.31 2.95
C LEU A 175 9.96 -11.77 4.39
N ARG A 176 9.36 -10.87 5.17
CA ARG A 176 9.05 -11.10 6.56
C ARG A 176 8.17 -12.30 6.76
N THR A 177 7.21 -12.43 5.86
CA THR A 177 6.23 -13.50 5.90
C THR A 177 6.66 -14.81 5.31
N TYR A 178 7.11 -14.80 4.06
CA TYR A 178 7.47 -16.04 3.38
C TYR A 178 8.97 -16.25 3.29
N GLY A 179 9.78 -15.25 3.61
CA GLY A 179 11.19 -15.49 3.47
C GLY A 179 11.73 -15.15 2.08
N LEU A 180 10.87 -14.70 1.17
CA LEU A 180 11.34 -14.32 -0.17
C LEU A 180 12.41 -13.23 -0.06
N PRO A 181 13.57 -13.50 -0.64
CA PRO A 181 14.69 -12.58 -0.57
C PRO A 181 14.51 -11.28 -1.35
N THR A 182 13.87 -10.31 -0.74
CA THR A 182 13.64 -9.06 -1.40
C THR A 182 14.46 -7.92 -0.87
N LEU A 183 14.63 -6.95 -1.74
CA LEU A 183 15.34 -5.72 -1.44
C LEU A 183 14.74 -4.59 -2.27
N ILE A 184 14.87 -3.36 -1.77
CA ILE A 184 14.31 -2.19 -2.41
C ILE A 184 15.26 -1.04 -2.62
N THR A 185 15.01 -0.26 -3.70
CA THR A 185 15.78 0.94 -4.04
C THR A 185 14.76 2.00 -4.38
N ASN A 186 15.00 3.22 -3.88
CA ASN A 186 14.19 4.43 -4.05
C ASN A 186 15.11 5.42 -4.72
N CYS A 187 14.61 6.18 -5.68
CA CYS A 187 15.51 7.10 -6.35
C CYS A 187 14.76 8.35 -6.66
N SER A 188 15.55 9.34 -7.04
CA SER A 188 15.07 10.64 -7.41
C SER A 188 14.77 10.64 -8.92
N ASN A 189 14.45 11.82 -9.46
CA ASN A 189 14.16 12.06 -10.86
C ASN A 189 15.36 11.77 -11.73
N ASN A 190 15.13 10.90 -12.72
CA ASN A 190 16.13 10.56 -13.71
C ASN A 190 15.96 11.40 -14.98
N TYR A 191 17.05 11.50 -15.73
CA TYR A 191 17.14 12.20 -16.97
C TYR A 191 18.26 11.52 -17.75
N GLY A 192 18.31 11.72 -19.08
CA GLY A 192 19.37 11.14 -19.91
C GLY A 192 18.79 10.59 -21.21
N PRO A 193 19.62 9.86 -21.90
CA PRO A 193 19.28 9.24 -23.17
C PRO A 193 17.97 8.48 -23.14
N TYR A 194 17.30 8.45 -24.27
CA TYR A 194 16.08 7.74 -24.43
C TYR A 194 14.99 8.15 -23.51
N HIS A 195 15.07 9.37 -23.06
CA HIS A 195 14.02 9.90 -22.23
C HIS A 195 12.95 10.45 -23.19
N PHE A 196 11.68 10.14 -22.95
CA PHE A 196 10.54 10.54 -23.79
C PHE A 196 10.45 12.02 -23.99
N PRO A 197 10.19 12.41 -25.23
CA PRO A 197 10.16 13.81 -25.64
C PRO A 197 9.24 14.70 -24.83
N GLU A 198 8.17 14.08 -24.39
CA GLU A 198 7.25 14.87 -23.61
C GLU A 198 7.81 15.27 -22.25
N LYS A 199 8.89 14.67 -21.81
CA LYS A 199 9.42 14.98 -20.53
C LYS A 199 10.14 16.30 -20.44
N LEU A 200 10.15 16.80 -19.22
CA LEU A 200 10.74 18.07 -18.88
C LEU A 200 12.08 18.39 -19.50
N ILE A 201 13.10 17.62 -19.14
CA ILE A 201 14.40 17.93 -19.68
C ILE A 201 14.40 17.80 -21.19
N PRO A 202 13.94 16.66 -21.69
CA PRO A 202 13.90 16.46 -23.12
C PRO A 202 13.04 17.51 -23.80
N LEU A 203 11.94 17.90 -23.15
CA LEU A 203 11.07 18.90 -23.75
C LEU A 203 11.81 20.21 -23.99
N MET A 204 12.47 20.64 -22.95
CA MET A 204 13.26 21.85 -22.96
C MET A 204 14.23 21.90 -24.13
N ILE A 205 14.92 20.79 -24.36
CA ILE A 205 15.89 20.72 -25.42
C ILE A 205 15.27 20.89 -26.80
N LEU A 206 14.23 20.13 -27.01
CA LEU A 206 13.53 20.10 -28.27
C LEU A 206 12.83 21.42 -28.58
N ASN A 207 12.16 21.94 -27.58
CA ASN A 207 11.46 23.17 -27.77
C ASN A 207 12.46 24.28 -28.12
N ALA A 208 13.61 24.23 -27.46
CA ALA A 208 14.67 25.21 -27.69
C ALA A 208 15.21 25.09 -29.09
N LEU A 209 15.47 23.85 -29.52
CA LEU A 209 15.97 23.61 -30.85
C LEU A 209 14.97 24.05 -31.93
N ALA A 210 13.66 24.12 -31.55
CA ALA A 210 12.54 24.49 -32.41
C ALA A 210 12.06 25.94 -32.26
N GLY A 211 12.84 26.70 -31.51
CA GLY A 211 12.59 28.11 -31.24
C GLY A 211 11.26 28.38 -30.54
N LYS A 212 10.90 27.51 -29.61
CA LYS A 212 9.68 27.65 -28.86
C LYS A 212 9.98 28.21 -27.49
N SER A 213 8.99 28.82 -26.86
CA SER A 213 9.15 29.42 -25.55
C SER A 213 9.56 28.40 -24.48
N LEU A 214 10.51 28.82 -23.64
CA LEU A 214 11.04 28.01 -22.53
C LEU A 214 10.41 28.45 -21.21
N PRO A 215 9.16 28.08 -21.02
CA PRO A 215 8.41 28.46 -19.86
C PRO A 215 9.01 28.06 -18.54
N VAL A 216 9.43 29.11 -17.82
CA VAL A 216 9.99 29.02 -16.49
C VAL A 216 8.91 29.45 -15.49
N TYR A 217 8.31 28.48 -14.84
CA TYR A 217 7.25 28.79 -13.92
C TYR A 217 7.75 29.16 -12.54
N GLY A 218 7.05 30.13 -11.99
CA GLY A 218 7.32 30.69 -10.70
C GLY A 218 8.49 31.63 -10.88
N ASN A 219 9.57 31.27 -10.23
CA ASN A 219 10.80 32.02 -10.32
C ASN A 219 11.81 31.00 -10.83
N GLY A 220 11.23 29.80 -10.98
CA GLY A 220 11.92 28.57 -11.34
C GLY A 220 12.96 28.24 -10.29
N GLN A 221 12.46 28.14 -9.05
CA GLN A 221 13.32 27.88 -7.91
C GLN A 221 13.00 26.62 -7.16
N GLN A 222 12.20 25.78 -7.81
CA GLN A 222 11.88 24.50 -7.23
C GLN A 222 13.16 23.69 -7.32
N ILE A 223 13.51 23.05 -6.19
CA ILE A 223 14.73 22.26 -6.08
C ILE A 223 14.44 20.78 -6.17
N ARG A 224 15.37 20.12 -6.83
CA ARG A 224 15.29 18.72 -7.06
C ARG A 224 16.67 18.18 -7.28
N ASP A 225 16.77 16.92 -6.93
CA ASP A 225 18.00 16.18 -7.11
C ASP A 225 17.78 15.45 -8.42
N TRP A 226 18.76 15.53 -9.33
CA TRP A 226 18.66 14.90 -10.64
C TRP A 226 19.66 13.78 -10.73
N LEU A 227 19.16 12.60 -11.12
CA LEU A 227 20.00 11.42 -11.26
C LEU A 227 20.09 11.00 -12.74
N TYR A 228 21.32 10.82 -13.21
CA TYR A 228 21.61 10.42 -14.57
C TYR A 228 21.27 8.96 -14.72
N VAL A 229 20.43 8.73 -15.71
CA VAL A 229 19.96 7.39 -15.95
C VAL A 229 21.05 6.30 -15.92
N GLU A 230 22.19 6.59 -16.51
CA GLU A 230 23.26 5.58 -16.60
C GLU A 230 23.87 5.34 -15.25
N ASP A 231 23.85 6.38 -14.46
CA ASP A 231 24.37 6.21 -13.14
C ASP A 231 23.37 5.37 -12.37
N HIS A 232 22.09 5.61 -12.59
CA HIS A 232 21.06 4.82 -11.92
C HIS A 232 21.14 3.34 -12.24
N ALA A 233 21.33 3.04 -13.52
CA ALA A 233 21.44 1.65 -13.95
C ALA A 233 22.64 0.92 -13.30
N ARG A 234 23.78 1.57 -13.24
CA ARG A 234 24.93 0.90 -12.68
C ARG A 234 24.65 0.59 -11.19
N ALA A 235 24.04 1.54 -10.52
CA ALA A 235 23.70 1.35 -9.10
C ALA A 235 22.70 0.22 -8.88
N LEU A 236 21.72 0.11 -9.77
CA LEU A 236 20.74 -0.97 -9.63
C LEU A 236 21.37 -2.34 -9.78
N TYR A 237 22.32 -2.45 -10.71
CA TYR A 237 22.95 -3.76 -10.87
C TYR A 237 23.79 -4.09 -9.66
N CYS A 238 24.39 -3.07 -9.09
CA CYS A 238 25.21 -3.23 -7.91
C CYS A 238 24.39 -3.72 -6.73
N VAL A 239 23.28 -3.03 -6.49
CA VAL A 239 22.37 -3.41 -5.42
C VAL A 239 21.94 -4.84 -5.61
N ALA A 240 21.49 -5.10 -6.81
CA ALA A 240 20.99 -6.41 -7.08
C ALA A 240 21.97 -7.53 -6.96
N THR A 241 23.22 -7.27 -7.26
CA THR A 241 24.16 -8.36 -7.22
C THR A 241 24.96 -8.39 -5.93
N THR A 242 25.03 -7.27 -5.25
CA THR A 242 25.84 -7.27 -4.06
C THR A 242 25.13 -6.65 -2.89
N GLY A 243 23.87 -6.30 -3.08
CA GLY A 243 23.09 -5.70 -2.01
C GLY A 243 22.61 -6.72 -0.99
N LYS A 244 22.26 -6.24 0.19
CA LYS A 244 21.84 -7.10 1.28
C LYS A 244 20.34 -7.33 1.39
N VAL A 245 19.97 -8.60 1.43
CA VAL A 245 18.58 -8.95 1.55
C VAL A 245 17.88 -8.24 2.69
N GLY A 246 16.73 -7.66 2.37
CA GLY A 246 15.90 -6.96 3.32
C GLY A 246 16.29 -5.51 3.51
N GLU A 247 17.33 -5.06 2.80
CA GLU A 247 17.67 -3.68 3.03
C GLU A 247 16.99 -2.80 1.98
N THR A 248 17.05 -1.52 2.24
CA THR A 248 16.54 -0.47 1.35
C THR A 248 17.66 0.50 1.05
N TYR A 249 17.83 0.92 -0.20
CA TYR A 249 18.89 1.87 -0.52
C TYR A 249 18.42 3.00 -1.42
N ASN A 250 18.60 4.22 -0.95
CA ASN A 250 18.25 5.40 -1.71
C ASN A 250 19.36 5.65 -2.75
N ILE A 251 18.97 6.13 -3.94
CA ILE A 251 19.92 6.43 -5.02
C ILE A 251 19.65 7.85 -5.53
N GLY A 252 20.66 8.70 -5.45
CA GLY A 252 20.51 10.08 -5.86
C GLY A 252 21.67 10.56 -6.69
N GLY A 253 21.49 11.75 -7.27
CA GLY A 253 22.47 12.38 -8.14
C GLY A 253 23.48 13.16 -7.34
N HIS A 254 23.28 13.24 -6.04
CA HIS A 254 24.22 13.95 -5.20
C HIS A 254 24.18 15.43 -5.51
N ASN A 255 23.02 15.89 -5.90
CA ASN A 255 22.86 17.29 -6.22
C ASN A 255 21.50 17.80 -5.84
N GLU A 256 21.45 19.11 -5.96
CA GLU A 256 20.30 19.92 -5.69
C GLU A 256 20.41 21.01 -6.73
N ARG A 257 19.42 21.05 -7.61
CA ARG A 257 19.45 22.01 -8.67
C ARG A 257 18.06 22.63 -8.85
N LYS A 258 18.04 23.95 -9.04
CA LYS A 258 16.82 24.72 -9.24
C LYS A 258 16.46 24.65 -10.72
N ASN A 259 15.16 24.67 -10.96
CA ASN A 259 14.64 24.64 -12.32
C ASN A 259 15.33 25.60 -13.28
N LEU A 260 15.47 26.87 -12.88
CA LEU A 260 16.13 27.80 -13.78
C LEU A 260 17.51 27.31 -14.15
N ASP A 261 18.13 26.69 -13.17
CA ASP A 261 19.45 26.19 -13.42
C ASP A 261 19.41 25.26 -14.64
N VAL A 262 18.52 24.31 -14.52
CA VAL A 262 18.34 23.30 -15.53
C VAL A 262 18.21 23.92 -16.88
N VAL A 263 17.19 24.75 -16.97
CA VAL A 263 16.87 25.41 -18.19
C VAL A 263 18.03 26.21 -18.74
N GLU A 264 18.61 27.01 -17.89
CA GLU A 264 19.71 27.83 -18.33
C GLU A 264 20.88 27.04 -18.82
N THR A 265 21.09 25.92 -18.12
CA THR A 265 22.17 25.01 -18.43
C THR A 265 22.01 24.43 -19.82
N ILE A 266 20.76 24.11 -20.13
CA ILE A 266 20.47 23.55 -21.41
C ILE A 266 20.77 24.59 -22.51
N CYS A 267 20.26 25.80 -22.30
CA CYS A 267 20.46 26.88 -23.26
C CYS A 267 21.92 27.11 -23.49
N GLU A 268 22.61 27.21 -22.38
CA GLU A 268 24.04 27.42 -22.43
C GLU A 268 24.77 26.33 -23.17
N LEU A 269 24.20 25.14 -23.08
CA LEU A 269 24.82 24.00 -23.73
C LEU A 269 24.52 23.99 -25.22
N LEU A 270 23.30 24.38 -25.57
CA LEU A 270 22.89 24.38 -26.96
C LEU A 270 23.65 25.46 -27.74
N GLU A 271 23.88 26.57 -27.06
CA GLU A 271 24.58 27.67 -27.67
C GLU A 271 25.97 27.29 -28.16
N GLU A 272 26.51 26.25 -27.54
CA GLU A 272 27.83 25.77 -27.87
C GLU A 272 27.83 24.57 -28.78
N LEU A 273 26.82 23.73 -28.59
CA LEU A 273 26.68 22.50 -29.36
C LEU A 273 25.79 22.68 -30.57
N ALA A 274 24.81 23.57 -30.42
CA ALA A 274 23.86 23.92 -31.47
C ALA A 274 23.98 25.40 -31.82
N PRO A 275 25.15 25.77 -32.31
CA PRO A 275 25.45 27.17 -32.66
C PRO A 275 24.47 27.75 -33.68
N ASN A 276 24.01 26.88 -34.59
CA ASN A 276 23.07 27.22 -35.65
C ASN A 276 21.66 27.44 -35.14
N LYS A 277 21.49 28.60 -34.47
CA LYS A 277 20.22 28.99 -33.87
C LYS A 277 19.04 28.91 -34.81
N PRO A 278 17.83 28.80 -34.28
CA PRO A 278 16.65 28.75 -35.11
C PRO A 278 16.51 30.07 -35.86
N HIS A 279 15.38 30.18 -36.55
CA HIS A 279 15.03 31.37 -37.32
C HIS A 279 14.49 32.48 -36.42
N GLY A 280 15.29 33.54 -36.30
CA GLY A 280 14.90 34.68 -35.50
C GLY A 280 15.11 34.37 -34.04
N VAL A 281 16.27 33.78 -33.80
CA VAL A 281 16.72 33.39 -32.49
C VAL A 281 18.21 33.66 -32.35
N ALA A 282 18.51 34.74 -31.62
CA ALA A 282 19.87 35.16 -31.38
C ALA A 282 20.54 34.32 -30.31
N HIS A 283 19.84 34.26 -29.18
CA HIS A 283 20.25 33.51 -28.02
C HIS A 283 19.13 32.64 -27.45
N TYR A 284 19.52 31.45 -27.01
CA TYR A 284 18.61 30.45 -26.47
C TYR A 284 17.92 30.90 -25.20
N ARG A 285 18.64 31.69 -24.41
CA ARG A 285 18.13 32.19 -23.15
C ARG A 285 16.87 33.04 -23.26
N ASP A 286 16.85 33.83 -24.31
CA ASP A 286 15.77 34.75 -24.60
C ASP A 286 14.46 34.05 -24.89
N LEU A 287 14.52 32.73 -24.83
CA LEU A 287 13.36 31.90 -25.08
C LEU A 287 12.56 31.71 -23.79
N ILE A 288 13.29 31.91 -22.69
CA ILE A 288 12.80 31.80 -21.33
C ILE A 288 11.77 32.84 -20.90
N THR A 289 10.60 32.38 -20.47
CA THR A 289 9.50 33.20 -19.96
C THR A 289 9.14 32.85 -18.51
N PHE A 290 8.33 33.72 -17.86
CA PHE A 290 7.86 33.52 -16.46
C PHE A 290 6.34 33.62 -16.25
N ARG A 300 10.97 21.84 -2.59
CA ARG A 300 12.18 21.12 -2.16
C ARG A 300 12.04 19.60 -1.97
N TYR A 301 12.84 18.90 -2.78
CA TYR A 301 12.93 17.44 -2.84
C TYR A 301 14.37 16.98 -3.05
N ALA A 302 15.02 16.59 -1.94
CA ALA A 302 16.39 16.15 -1.93
C ALA A 302 16.51 14.81 -1.25
N ILE A 303 17.44 13.99 -1.73
CA ILE A 303 17.67 12.66 -1.21
C ILE A 303 19.05 12.49 -0.62
N ASP A 304 19.09 11.69 0.43
CA ASP A 304 20.31 11.34 1.11
C ASP A 304 20.69 9.92 0.69
N ALA A 305 21.74 9.80 -0.12
CA ALA A 305 22.16 8.50 -0.58
C ALA A 305 23.55 8.12 -0.06
N SER A 306 23.76 8.29 1.25
CA SER A 306 25.03 7.97 1.90
C SER A 306 25.19 6.49 2.14
N LYS A 307 24.04 5.86 2.50
CA LYS A 307 24.02 4.45 2.82
C LYS A 307 24.69 3.58 1.77
N ILE A 308 24.14 3.69 0.56
CA ILE A 308 24.61 2.92 -0.57
C ILE A 308 26.07 3.17 -0.88
N ALA A 309 26.41 4.44 -0.76
CA ALA A 309 27.79 4.82 -1.01
C ALA A 309 28.71 4.18 0.03
N ARG A 310 28.30 4.28 1.29
CA ARG A 310 29.04 3.70 2.39
C ARG A 310 29.13 2.18 2.32
N GLU A 311 27.98 1.52 2.28
CA GLU A 311 27.92 0.07 2.30
C GLU A 311 28.22 -0.65 1.02
N LEU A 312 27.67 -0.10 -0.06
CA LEU A 312 27.85 -0.76 -1.34
C LEU A 312 28.99 -0.13 -2.07
N GLY A 313 29.27 1.12 -1.74
CA GLY A 313 30.38 1.78 -2.40
C GLY A 313 30.02 2.34 -3.77
N CYS A 314 28.74 2.26 -4.13
CA CYS A 314 28.21 2.72 -5.42
C CYS A 314 27.87 4.20 -5.34
N VAL A 315 28.61 5.00 -6.10
CA VAL A 315 28.44 6.44 -6.12
C VAL A 315 28.24 6.97 -7.56
N PRO A 316 27.44 8.02 -7.72
CA PRO A 316 27.21 8.56 -9.05
C PRO A 316 28.53 8.93 -9.72
N GLN A 317 28.61 8.69 -11.04
CA GLN A 317 29.77 8.98 -11.85
C GLN A 317 29.73 10.32 -12.54
N GLU A 318 28.54 10.78 -12.79
CA GLU A 318 28.40 12.06 -13.43
C GLU A 318 27.95 13.17 -12.48
N THR A 319 28.13 14.39 -12.95
CA THR A 319 27.65 15.59 -12.30
C THR A 319 26.47 16.12 -13.12
N PHE A 320 25.67 16.99 -12.49
CA PHE A 320 24.58 17.58 -13.22
C PHE A 320 25.14 18.10 -14.55
N GLU A 321 26.27 18.80 -14.43
CA GLU A 321 26.94 19.36 -15.60
C GLU A 321 27.31 18.29 -16.61
N SER A 322 28.14 17.37 -16.11
CA SER A 322 28.63 16.25 -16.89
C SER A 322 27.44 15.55 -17.56
N GLY A 323 26.46 15.20 -16.75
CA GLY A 323 25.26 14.51 -17.17
C GLY A 323 24.47 15.22 -18.25
N MET A 324 24.16 16.50 -18.03
CA MET A 324 23.42 17.29 -19.00
C MET A 324 24.14 17.40 -20.34
N ARG A 325 25.45 17.57 -20.29
CA ARG A 325 26.18 17.66 -21.53
C ARG A 325 25.93 16.45 -22.39
N LYS A 326 26.07 15.28 -21.75
CA LYS A 326 25.88 14.03 -22.42
C LYS A 326 24.46 13.86 -22.92
N THR A 327 23.53 14.41 -22.16
CA THR A 327 22.14 14.32 -22.52
C THR A 327 21.81 15.09 -23.80
N VAL A 328 22.27 16.32 -23.87
CA VAL A 328 22.05 17.17 -25.03
C VAL A 328 22.68 16.57 -26.29
N GLN A 329 23.93 16.17 -26.15
CA GLN A 329 24.62 15.56 -27.26
C GLN A 329 23.82 14.42 -27.84
N TRP A 330 23.28 13.60 -26.93
CA TRP A 330 22.52 12.44 -27.32
C TRP A 330 21.34 12.83 -28.19
N TYR A 331 20.64 13.88 -27.74
CA TYR A 331 19.46 14.37 -28.44
C TYR A 331 19.81 14.89 -29.82
N LEU A 332 20.96 15.53 -29.89
CA LEU A 332 21.44 16.06 -31.14
C LEU A 332 21.77 14.94 -32.08
N ALA A 333 22.34 13.89 -31.49
CA ALA A 333 22.80 12.76 -32.25
C ALA A 333 21.77 11.72 -32.59
N ASN A 334 20.61 11.83 -31.95
CA ASN A 334 19.59 10.80 -32.15
C ASN A 334 18.22 11.30 -32.48
N GLU A 335 18.14 12.12 -33.51
CA GLU A 335 16.87 12.68 -33.93
C GLU A 335 15.85 11.64 -34.42
N SER A 336 16.35 10.53 -34.97
CA SER A 336 15.54 9.43 -35.46
C SER A 336 14.66 8.90 -34.34
N TRP A 337 15.28 8.76 -33.18
CA TRP A 337 14.56 8.26 -32.02
C TRP A 337 13.39 9.14 -31.58
N TRP A 338 13.73 10.36 -31.20
CA TRP A 338 12.70 11.21 -30.66
C TRP A 338 11.65 11.56 -31.67
N LYS A 339 12.06 11.65 -32.91
CA LYS A 339 11.12 11.96 -33.96
C LYS A 339 10.11 10.81 -34.08
N GLN A 340 10.59 9.56 -34.07
CA GLN A 340 9.72 8.40 -34.18
C GLN A 340 8.83 8.23 -32.97
N VAL A 341 9.21 8.92 -31.92
CA VAL A 341 8.38 8.88 -30.75
C VAL A 341 7.25 9.84 -30.97
N GLN A 342 7.63 11.09 -31.31
CA GLN A 342 6.65 12.15 -31.58
C GLN A 342 5.72 11.71 -32.71
N ASP A 343 6.29 10.97 -33.65
CA ASP A 343 5.56 10.41 -34.79
C ASP A 343 4.48 9.46 -34.31
N GLY A 344 4.85 8.54 -33.42
CA GLY A 344 3.98 7.52 -32.86
C GLY A 344 4.32 6.19 -33.52
N SER A 345 5.19 6.33 -34.55
CA SER A 345 5.68 5.21 -35.35
C SER A 345 6.49 4.22 -34.52
N TYR A 346 6.92 4.67 -33.33
CA TYR A 346 7.70 3.82 -32.46
C TYR A 346 6.91 2.62 -31.95
N GLN A 347 5.59 2.75 -31.90
CA GLN A 347 4.70 1.72 -31.40
C GLN A 347 4.55 0.52 -32.31
N GLY A 348 5.07 0.65 -33.50
CA GLY A 348 4.97 -0.40 -34.49
C GLY A 348 6.30 -1.01 -34.89
N GLU A 349 7.32 -0.69 -34.10
CA GLU A 349 8.65 -1.25 -34.31
C GLU A 349 8.67 -2.73 -33.98
N ARG A 350 9.85 -3.33 -34.18
CA ARG A 350 10.12 -4.77 -33.99
C ARG A 350 9.75 -5.38 -32.66
N MET B 1 -31.51 13.96 10.94
CA MET B 1 -31.22 12.56 10.84
C MET B 1 -30.15 12.26 9.83
N ARG B 2 -29.03 11.85 10.42
CA ARG B 2 -27.86 11.50 9.65
C ARG B 2 -28.04 10.13 9.06
N LYS B 3 -27.69 10.00 7.78
CA LYS B 3 -27.75 8.72 7.11
C LYS B 3 -26.30 8.29 6.92
N ILE B 4 -25.93 7.20 7.59
CA ILE B 4 -24.57 6.69 7.51
C ILE B 4 -24.44 5.37 6.79
N LEU B 5 -23.54 5.37 5.81
CA LEU B 5 -23.30 4.19 5.05
C LEU B 5 -22.11 3.47 5.68
N ILE B 6 -22.34 2.21 6.06
CA ILE B 6 -21.31 1.46 6.71
C ILE B 6 -21.01 0.19 6.00
N THR B 7 -19.76 0.10 5.52
CA THR B 7 -19.31 -1.11 4.87
C THR B 7 -18.89 -2.12 5.93
N GLY B 8 -19.19 -3.41 5.68
CA GLY B 8 -18.85 -4.53 6.56
C GLY B 8 -19.65 -4.43 7.84
N GLY B 9 -20.78 -3.79 7.69
CA GLY B 9 -21.70 -3.62 8.81
C GLY B 9 -22.24 -4.95 9.36
N ALA B 10 -22.02 -6.07 8.69
CA ALA B 10 -22.49 -7.34 9.20
C ALA B 10 -21.34 -8.11 9.86
N GLY B 11 -20.17 -7.49 9.96
CA GLY B 11 -19.03 -8.15 10.55
C GLY B 11 -19.01 -7.92 12.06
N PHE B 12 -17.95 -8.38 12.72
CA PHE B 12 -17.76 -8.26 14.16
C PHE B 12 -17.84 -6.81 14.64
N ILE B 13 -16.90 -6.01 14.24
CA ILE B 13 -16.96 -4.65 14.69
C ILE B 13 -18.13 -3.90 14.07
N GLY B 14 -18.33 -4.06 12.78
CA GLY B 14 -19.38 -3.33 12.11
C GLY B 14 -20.73 -3.58 12.70
N SER B 15 -20.99 -4.82 13.06
CA SER B 15 -22.28 -5.07 13.67
C SER B 15 -22.45 -4.35 15.00
N ALA B 16 -21.38 -4.25 15.75
CA ALA B 16 -21.50 -3.53 17.00
C ALA B 16 -21.80 -2.06 16.77
N LEU B 17 -21.13 -1.51 15.76
CA LEU B 17 -21.37 -0.11 15.47
C LEU B 17 -22.83 0.15 15.10
N VAL B 18 -23.36 -0.78 14.32
CA VAL B 18 -24.73 -0.65 13.89
C VAL B 18 -25.65 -0.70 15.10
N ARG B 19 -25.50 -1.71 15.95
CA ARG B 19 -26.35 -1.83 17.13
C ARG B 19 -26.30 -0.54 17.97
N TYR B 20 -25.09 0.01 18.12
CA TYR B 20 -24.97 1.22 18.87
C TYR B 20 -25.77 2.36 18.29
N ILE B 21 -25.46 2.72 17.07
CA ILE B 21 -26.15 3.81 16.39
C ILE B 21 -27.68 3.75 16.51
N ILE B 22 -28.23 2.58 16.29
CA ILE B 22 -29.66 2.50 16.38
C ILE B 22 -30.17 2.53 17.80
N ASN B 23 -29.44 1.90 18.69
CA ASN B 23 -29.89 1.84 20.06
C ASN B 23 -29.64 3.09 20.89
N GLU B 24 -28.54 3.76 20.64
CA GLU B 24 -28.15 4.90 21.47
C GLU B 24 -28.09 6.25 20.69
N THR B 25 -28.62 6.26 19.45
CA THR B 25 -28.68 7.47 18.61
C THR B 25 -29.98 7.55 17.82
N SER B 26 -30.21 8.73 17.23
CA SER B 26 -31.39 8.99 16.42
C SER B 26 -31.10 8.91 14.93
N ASP B 27 -29.83 8.62 14.61
CA ASP B 27 -29.36 8.49 13.24
C ASP B 27 -29.82 7.22 12.54
N ALA B 28 -29.67 7.22 11.21
CA ALA B 28 -30.05 6.09 10.39
C ALA B 28 -28.83 5.50 9.70
N VAL B 29 -28.97 4.25 9.28
CA VAL B 29 -27.87 3.57 8.64
C VAL B 29 -28.24 2.74 7.45
N VAL B 30 -27.25 2.66 6.56
CA VAL B 30 -27.32 1.83 5.40
C VAL B 30 -26.11 0.91 5.43
N VAL B 31 -26.34 -0.39 5.59
CA VAL B 31 -25.27 -1.37 5.63
C VAL B 31 -24.98 -1.91 4.25
N VAL B 32 -23.72 -1.92 3.89
CA VAL B 32 -23.23 -2.43 2.63
C VAL B 32 -22.30 -3.59 2.96
N ASP B 33 -22.78 -4.82 2.73
CA ASP B 33 -22.00 -5.99 3.05
C ASP B 33 -22.38 -7.11 2.12
N LYS B 34 -21.34 -7.67 1.53
CA LYS B 34 -21.50 -8.72 0.55
C LYS B 34 -21.80 -10.06 1.16
N LEU B 35 -21.68 -10.14 2.48
CA LEU B 35 -21.89 -11.40 3.19
C LEU B 35 -20.91 -12.56 2.94
N THR B 36 -19.60 -12.39 3.28
CA THR B 36 -18.61 -13.47 3.16
C THR B 36 -18.79 -14.44 4.37
N TYR B 37 -17.91 -15.41 4.54
CA TYR B 37 -17.97 -16.28 5.70
C TYR B 37 -18.04 -15.40 6.98
N ALA B 38 -17.36 -14.25 6.94
CA ALA B 38 -17.25 -13.33 8.04
C ALA B 38 -18.49 -12.56 8.40
N GLY B 39 -19.42 -12.45 7.48
CA GLY B 39 -20.63 -11.69 7.75
C GLY B 39 -21.64 -12.61 8.42
N ASN B 40 -22.50 -12.02 9.27
CA ASN B 40 -23.51 -12.76 10.03
C ASN B 40 -24.71 -11.87 10.30
N LEU B 41 -25.80 -12.16 9.60
CA LEU B 41 -27.03 -11.39 9.73
C LEU B 41 -27.63 -11.50 11.13
N MET B 42 -27.34 -12.60 11.81
CA MET B 42 -27.86 -12.76 13.16
C MET B 42 -27.36 -11.69 14.14
N SER B 43 -26.17 -11.11 13.88
CA SER B 43 -25.63 -10.10 14.75
C SER B 43 -26.32 -8.77 14.56
N LEU B 44 -27.15 -8.69 13.52
CA LEU B 44 -27.88 -7.47 13.18
C LEU B 44 -29.34 -7.53 13.60
N ALA B 45 -29.82 -8.75 13.73
CA ALA B 45 -31.17 -9.06 14.12
C ALA B 45 -31.74 -8.18 15.21
N PRO B 46 -30.95 -7.94 16.26
CA PRO B 46 -31.39 -7.12 17.36
C PRO B 46 -31.98 -5.79 16.95
N VAL B 47 -31.42 -5.18 15.90
CA VAL B 47 -31.91 -3.88 15.45
C VAL B 47 -32.35 -3.87 14.01
N ALA B 48 -32.47 -5.07 13.42
CA ALA B 48 -32.84 -5.23 12.02
C ALA B 48 -34.23 -4.75 11.64
N GLN B 49 -35.16 -4.77 12.60
CA GLN B 49 -36.53 -4.34 12.34
C GLN B 49 -36.78 -2.85 12.52
N SER B 50 -35.69 -2.09 12.66
CA SER B 50 -35.75 -0.65 12.84
C SER B 50 -36.02 0.11 11.54
N GLU B 51 -36.64 1.28 11.67
CA GLU B 51 -36.99 2.15 10.58
C GLU B 51 -35.77 2.83 10.00
N ARG B 52 -34.80 3.04 10.89
CA ARG B 52 -33.54 3.69 10.58
C ARG B 52 -32.50 2.68 10.11
N PHE B 53 -32.98 1.49 9.81
CA PHE B 53 -32.09 0.44 9.36
C PHE B 53 -32.35 -0.03 7.94
N ALA B 54 -31.27 -0.10 7.15
CA ALA B 54 -31.31 -0.55 5.76
C ALA B 54 -30.09 -1.38 5.41
N PHE B 55 -30.31 -2.43 4.65
CA PHE B 55 -29.24 -3.34 4.27
C PHE B 55 -29.11 -3.53 2.77
N GLU B 56 -27.89 -3.44 2.29
CA GLU B 56 -27.60 -3.63 0.88
C GLU B 56 -26.57 -4.74 0.68
N LYS B 57 -26.98 -5.84 0.09
CA LYS B 57 -26.01 -6.89 -0.10
C LYS B 57 -25.12 -6.57 -1.30
N VAL B 58 -24.20 -5.64 -1.14
CA VAL B 58 -23.33 -5.26 -2.24
C VAL B 58 -21.83 -5.46 -2.03
N ASP B 59 -21.09 -5.69 -3.12
CA ASP B 59 -19.64 -5.88 -3.06
C ASP B 59 -18.98 -4.56 -3.33
N ILE B 60 -18.12 -4.12 -2.41
CA ILE B 60 -17.44 -2.84 -2.54
C ILE B 60 -16.62 -2.70 -3.81
N CYS B 61 -16.35 -3.83 -4.42
CA CYS B 61 -15.62 -3.80 -5.67
C CYS B 61 -16.55 -3.53 -6.88
N ASP B 62 -17.88 -3.60 -6.70
CA ASP B 62 -18.90 -3.38 -7.75
C ASP B 62 -19.28 -1.91 -7.85
N ARG B 63 -18.51 -1.24 -8.66
CA ARG B 63 -18.68 0.18 -8.86
C ARG B 63 -20.09 0.64 -9.17
N ALA B 64 -20.76 -0.12 -10.01
CA ALA B 64 -22.12 0.17 -10.41
C ALA B 64 -23.09 0.01 -9.27
N GLU B 65 -23.04 -1.13 -8.61
CA GLU B 65 -23.95 -1.34 -7.50
C GLU B 65 -23.74 -0.29 -6.45
N LEU B 66 -22.47 0.07 -6.32
CA LEU B 66 -22.08 1.09 -5.37
C LEU B 66 -22.67 2.42 -5.67
N ALA B 67 -22.58 2.80 -6.93
CA ALA B 67 -23.12 4.10 -7.32
C ALA B 67 -24.61 4.17 -7.06
N ARG B 68 -25.26 3.03 -7.32
CA ARG B 68 -26.67 2.94 -7.09
C ARG B 68 -27.03 3.21 -5.65
N VAL B 69 -26.36 2.46 -4.79
CA VAL B 69 -26.64 2.61 -3.38
C VAL B 69 -26.51 4.08 -2.95
N PHE B 70 -25.42 4.69 -3.39
CA PHE B 70 -25.19 6.07 -3.03
C PHE B 70 -26.28 6.97 -3.54
N THR B 71 -26.77 6.58 -4.69
CA THR B 71 -27.79 7.40 -5.30
C THR B 71 -29.09 7.21 -4.55
N GLU B 72 -29.41 5.98 -4.29
CA GLU B 72 -30.64 5.70 -3.60
C GLU B 72 -30.71 6.17 -2.17
N HIS B 73 -29.68 5.92 -1.35
CA HIS B 73 -29.77 6.27 0.06
C HIS B 73 -29.26 7.63 0.47
N GLN B 74 -28.46 8.22 -0.39
CA GLN B 74 -27.90 9.54 -0.09
C GLN B 74 -27.31 9.65 1.30
N PRO B 75 -26.28 8.89 1.59
CA PRO B 75 -25.67 8.93 2.88
C PRO B 75 -25.03 10.29 3.12
N ASP B 76 -24.93 10.69 4.37
CA ASP B 76 -24.29 11.95 4.70
C ASP B 76 -22.86 11.65 5.10
N CYS B 77 -22.63 10.35 5.26
CA CYS B 77 -21.34 9.90 5.70
C CYS B 77 -21.13 8.40 5.44
N VAL B 78 -19.84 8.13 5.23
CA VAL B 78 -19.37 6.79 4.99
C VAL B 78 -18.35 6.35 6.05
N MET B 79 -18.59 5.14 6.53
CA MET B 79 -17.72 4.50 7.50
C MET B 79 -17.34 3.16 6.90
N HIS B 80 -16.06 3.09 6.53
CA HIS B 80 -15.54 1.93 5.85
C HIS B 80 -14.82 0.93 6.75
N LEU B 81 -15.52 -0.19 7.01
CA LEU B 81 -14.99 -1.25 7.84
C LEU B 81 -14.78 -2.55 7.12
N ALA B 82 -15.35 -2.66 5.91
CA ALA B 82 -15.24 -3.88 5.10
C ALA B 82 -13.82 -4.22 4.77
N ALA B 83 -13.45 -5.46 5.05
CA ALA B 83 -12.10 -5.92 4.82
C ALA B 83 -12.04 -7.42 4.92
N GLU B 84 -11.02 -8.00 4.28
CA GLU B 84 -10.82 -9.42 4.29
C GLU B 84 -9.55 -9.72 5.09
N SER B 85 -9.67 -10.59 6.09
CA SER B 85 -8.55 -10.96 6.96
C SER B 85 -7.86 -12.25 6.53
N HIS B 86 -8.55 -13.08 5.71
CA HIS B 86 -7.95 -14.31 5.19
C HIS B 86 -7.05 -14.02 4.00
N VAL B 87 -5.94 -14.74 3.95
CA VAL B 87 -4.95 -14.69 2.91
C VAL B 87 -4.96 -16.00 2.14
N ASP B 88 -5.80 -16.06 1.11
CA ASP B 88 -5.99 -17.24 0.28
C ASP B 88 -4.92 -17.35 -0.79
N ARG B 89 -5.00 -18.49 -1.51
CA ARG B 89 -4.06 -18.83 -2.58
C ARG B 89 -4.18 -17.85 -3.72
N SER B 90 -3.09 -17.71 -4.47
CA SER B 90 -3.02 -16.84 -5.65
C SER B 90 -3.06 -17.64 -6.96
N ILE B 91 -3.34 -18.91 -6.89
CA ILE B 91 -3.37 -19.85 -7.99
C ILE B 91 -4.40 -19.52 -9.03
N ASP B 92 -5.47 -18.87 -8.65
CA ASP B 92 -6.51 -18.57 -9.62
C ASP B 92 -6.74 -17.10 -9.88
N GLY B 93 -5.77 -16.26 -9.55
CA GLY B 93 -5.93 -14.82 -9.71
C GLY B 93 -5.66 -14.13 -8.37
N PRO B 94 -5.81 -12.81 -8.32
CA PRO B 94 -5.56 -12.08 -7.10
C PRO B 94 -6.48 -12.58 -5.99
N ALA B 95 -5.91 -12.77 -4.80
CA ALA B 95 -6.71 -13.19 -3.65
C ALA B 95 -7.66 -12.08 -3.20
N ALA B 96 -8.69 -12.52 -2.48
CA ALA B 96 -9.69 -11.61 -1.97
C ALA B 96 -9.18 -10.50 -1.08
N PHE B 97 -8.12 -10.78 -0.33
CA PHE B 97 -7.63 -9.72 0.52
C PHE B 97 -7.09 -8.58 -0.32
N ILE B 98 -6.45 -8.87 -1.47
CA ILE B 98 -5.95 -7.78 -2.32
C ILE B 98 -7.14 -7.01 -2.93
N GLU B 99 -8.07 -7.78 -3.50
CA GLU B 99 -9.24 -7.17 -4.09
C GLU B 99 -10.06 -6.32 -3.16
N THR B 100 -10.48 -6.92 -2.06
CA THR B 100 -11.33 -6.18 -1.14
C THR B 100 -10.67 -4.99 -0.48
N ASN B 101 -9.50 -5.29 0.05
CA ASN B 101 -8.84 -4.29 0.81
C ASN B 101 -8.27 -3.17 0.00
N ILE B 102 -7.66 -3.51 -1.12
CA ILE B 102 -7.03 -2.42 -1.85
C ILE B 102 -7.94 -1.95 -2.96
N VAL B 103 -8.32 -2.88 -3.84
CA VAL B 103 -9.21 -2.53 -4.97
C VAL B 103 -10.55 -2.00 -4.51
N GLY B 104 -11.11 -2.67 -3.53
CA GLY B 104 -12.39 -2.25 -3.01
C GLY B 104 -12.29 -0.89 -2.33
N THR B 105 -11.16 -0.58 -1.69
CA THR B 105 -11.14 0.72 -1.09
C THR B 105 -11.09 1.81 -2.17
N TYR B 106 -10.34 1.53 -3.24
CA TYR B 106 -10.22 2.45 -4.36
C TYR B 106 -11.59 2.74 -5.00
N THR B 107 -12.36 1.65 -5.26
CA THR B 107 -13.68 1.76 -5.82
C THR B 107 -14.60 2.60 -4.95
N LEU B 108 -14.56 2.37 -3.64
CA LEU B 108 -15.41 3.10 -2.71
C LEU B 108 -15.03 4.56 -2.71
N LEU B 109 -13.72 4.79 -2.72
CA LEU B 109 -13.26 6.15 -2.75
C LEU B 109 -13.81 6.89 -3.97
N GLU B 110 -13.73 6.26 -5.14
CA GLU B 110 -14.23 6.81 -6.39
C GLU B 110 -15.74 6.94 -6.41
N ALA B 111 -16.45 5.93 -5.91
CA ALA B 111 -17.89 6.06 -5.82
C ALA B 111 -18.29 7.23 -4.91
N ALA B 112 -17.66 7.37 -3.78
CA ALA B 112 -18.01 8.48 -2.93
C ALA B 112 -17.67 9.82 -3.55
N ARG B 113 -16.48 9.89 -4.19
CA ARG B 113 -15.95 11.10 -4.83
C ARG B 113 -16.94 11.61 -5.86
N ALA B 114 -17.48 10.66 -6.61
CA ALA B 114 -18.47 10.99 -7.60
C ALA B 114 -19.69 11.62 -6.95
N TYR B 115 -20.16 11.00 -5.87
CA TYR B 115 -21.33 11.44 -5.14
C TYR B 115 -21.10 12.80 -4.52
N TRP B 116 -20.00 12.87 -3.87
CA TRP B 116 -19.69 14.07 -3.17
C TRP B 116 -19.59 15.24 -4.10
N ASN B 117 -18.91 14.95 -5.18
CA ASN B 117 -18.66 15.95 -6.18
C ASN B 117 -19.94 16.58 -6.74
N ALA B 118 -21.03 15.85 -6.68
CA ALA B 118 -22.29 16.38 -7.17
C ALA B 118 -23.21 16.89 -6.05
N LEU B 119 -22.66 17.10 -4.87
CA LEU B 119 -23.46 17.56 -3.75
C LEU B 119 -23.48 19.07 -3.66
N THR B 120 -24.51 19.58 -2.98
CA THR B 120 -24.65 21.02 -2.77
C THR B 120 -23.61 21.50 -1.79
N GLU B 121 -23.18 22.73 -1.96
CA GLU B 121 -22.15 23.30 -1.10
C GLU B 121 -22.34 22.94 0.37
N ASP B 122 -23.60 22.90 0.79
CA ASP B 122 -23.96 22.59 2.16
C ASP B 122 -23.67 21.15 2.56
N LYS B 123 -24.14 20.20 1.75
CA LYS B 123 -23.92 18.80 2.03
C LYS B 123 -22.48 18.41 1.74
N LYS B 124 -21.85 19.23 0.95
CA LYS B 124 -20.51 18.99 0.54
C LYS B 124 -19.44 19.18 1.63
N SER B 125 -19.59 20.25 2.39
CA SER B 125 -18.64 20.56 3.44
C SER B 125 -18.79 19.64 4.66
N ALA B 126 -20.01 19.11 4.80
CA ALA B 126 -20.39 18.24 5.89
C ALA B 126 -20.12 16.77 5.67
N PHE B 127 -20.03 16.36 4.43
CA PHE B 127 -19.80 14.96 4.16
C PHE B 127 -18.49 14.48 4.76
N ARG B 128 -18.48 13.20 5.13
CA ARG B 128 -17.28 12.65 5.71
C ARG B 128 -17.08 11.20 5.32
N PHE B 129 -15.82 10.90 5.02
CA PHE B 129 -15.44 9.55 4.67
C PHE B 129 -14.49 9.04 5.73
N HIS B 130 -15.00 8.11 6.54
CA HIS B 130 -14.22 7.55 7.65
C HIS B 130 -13.75 6.15 7.38
N HIS B 131 -12.40 6.06 7.30
CA HIS B 131 -11.74 4.79 7.03
C HIS B 131 -11.20 4.12 8.31
N ILE B 132 -11.51 2.85 8.48
CA ILE B 132 -11.06 2.10 9.64
C ILE B 132 -9.92 1.18 9.25
N SER B 133 -8.79 1.36 9.93
CA SER B 133 -7.62 0.55 9.69
C SER B 133 -7.18 -0.20 10.96
N THR B 134 -5.95 -0.69 10.98
CA THR B 134 -5.44 -1.47 12.09
C THR B 134 -4.08 -0.99 12.54
N ASP B 135 -3.75 -1.30 13.78
CA ASP B 135 -2.46 -0.89 14.32
C ASP B 135 -1.32 -1.76 13.81
N GLU B 136 -1.67 -2.81 13.10
CA GLU B 136 -0.64 -3.66 12.52
C GLU B 136 0.20 -2.98 11.43
N VAL B 137 -0.31 -1.84 10.94
CA VAL B 137 0.39 -1.05 9.92
C VAL B 137 1.66 -0.42 10.49
N TYR B 138 1.70 -0.29 11.83
CA TYR B 138 2.81 0.33 12.57
C TYR B 138 4.00 -0.61 12.70
N GLY B 139 3.75 -1.87 12.43
CA GLY B 139 4.79 -2.88 12.49
C GLY B 139 5.11 -3.31 13.92
N ASP B 140 6.38 -3.46 14.21
CA ASP B 140 6.82 -3.91 15.50
C ASP B 140 7.36 -2.82 16.44
N LEU B 141 7.25 -3.09 17.75
CA LEU B 141 7.75 -2.21 18.79
C LEU B 141 9.16 -2.67 19.17
N HIS B 142 10.10 -1.73 19.24
CA HIS B 142 11.50 -2.04 19.53
C HIS B 142 12.00 -1.57 20.87
N SER B 143 11.16 -1.80 21.88
CA SER B 143 11.39 -1.43 23.25
C SER B 143 10.24 -1.96 24.06
N THR B 144 10.28 -1.75 25.36
CA THR B 144 9.20 -2.26 26.20
C THR B 144 8.45 -1.11 26.84
N ASP B 145 8.84 0.05 26.38
CA ASP B 145 8.27 1.28 26.88
C ASP B 145 7.79 2.17 25.75
N ASP B 146 7.88 1.69 24.51
CA ASP B 146 7.43 2.43 23.36
C ASP B 146 5.99 2.01 23.07
N PHE B 147 5.20 2.93 22.54
CA PHE B 147 3.81 2.70 22.15
C PHE B 147 3.57 3.18 20.71
N PHE B 148 2.55 2.67 20.05
CA PHE B 148 2.23 3.10 18.70
C PHE B 148 1.43 4.38 18.79
N THR B 149 1.91 5.41 18.11
CA THR B 149 1.20 6.67 18.06
C THR B 149 0.77 6.93 16.61
N GLU B 150 0.00 7.97 16.42
CA GLU B 150 -0.46 8.32 15.10
C GLU B 150 0.69 8.79 14.22
N THR B 151 1.90 8.83 14.77
CA THR B 151 3.03 9.28 14.00
C THR B 151 4.11 8.24 13.84
N THR B 152 3.77 7.03 14.28
CA THR B 152 4.75 5.95 14.13
C THR B 152 4.85 5.62 12.63
N PRO B 153 6.04 5.42 12.10
CA PRO B 153 6.19 5.12 10.70
C PRO B 153 5.48 3.86 10.33
N TYR B 154 5.10 3.72 9.08
CA TYR B 154 4.44 2.49 8.73
C TYR B 154 5.52 1.44 8.44
N ALA B 155 5.27 0.20 8.83
CA ALA B 155 6.17 -0.91 8.58
C ALA B 155 5.41 -2.23 8.63
N PRO B 156 4.35 -2.36 7.83
CA PRO B 156 3.55 -3.57 7.83
C PRO B 156 4.41 -4.78 7.53
N SER B 157 4.10 -5.86 8.24
CA SER B 157 4.91 -7.06 8.08
C SER B 157 4.24 -8.28 7.49
N SER B 158 2.93 -8.22 7.34
CA SER B 158 2.22 -9.33 6.75
C SER B 158 1.46 -8.85 5.49
N PRO B 159 1.04 -9.78 4.65
CA PRO B 159 0.30 -9.45 3.44
C PRO B 159 -0.97 -8.70 3.83
N TYR B 160 -1.60 -9.22 4.86
CA TYR B 160 -2.77 -8.56 5.35
C TYR B 160 -2.55 -7.13 5.82
N SER B 161 -1.56 -6.88 6.65
CA SER B 161 -1.37 -5.54 7.11
C SER B 161 -0.82 -4.65 6.02
N ALA B 162 -0.09 -5.23 5.08
CA ALA B 162 0.46 -4.47 3.97
C ALA B 162 -0.75 -3.97 3.17
N SER B 163 -1.72 -4.86 3.01
CA SER B 163 -2.99 -4.59 2.35
C SER B 163 -3.73 -3.46 3.01
N LYS B 164 -3.76 -3.44 4.34
CA LYS B 164 -4.46 -2.37 5.06
C LYS B 164 -3.68 -1.05 4.96
N ALA B 165 -2.34 -1.13 5.04
CA ALA B 165 -1.54 0.07 4.93
C ALA B 165 -1.80 0.80 3.59
N SER B 166 -1.91 0.02 2.52
CA SER B 166 -2.15 0.54 1.17
C SER B 166 -3.45 1.29 1.15
N SER B 167 -4.47 0.70 1.74
CA SER B 167 -5.76 1.36 1.78
C SER B 167 -5.66 2.68 2.47
N ASP B 168 -4.85 2.72 3.53
CA ASP B 168 -4.70 3.97 4.25
C ASP B 168 -4.06 5.01 3.36
N HIS B 169 -3.02 4.59 2.67
CA HIS B 169 -2.37 5.56 1.80
C HIS B 169 -3.33 6.16 0.76
N LEU B 170 -4.15 5.29 0.22
CA LEU B 170 -5.12 5.75 -0.76
C LEU B 170 -6.06 6.78 -0.16
N VAL B 171 -6.63 6.46 1.01
CA VAL B 171 -7.56 7.37 1.67
C VAL B 171 -6.95 8.74 1.94
N ARG B 172 -5.70 8.70 2.34
CA ARG B 172 -5.03 9.94 2.59
C ARG B 172 -4.79 10.74 1.31
N ALA B 173 -4.34 10.06 0.26
CA ALA B 173 -4.11 10.69 -1.02
C ALA B 173 -5.37 11.26 -1.71
N TRP B 174 -6.55 10.70 -1.49
CA TRP B 174 -7.75 11.27 -2.12
C TRP B 174 -8.06 12.65 -1.57
N LEU B 175 -7.87 12.78 -0.27
CA LEU B 175 -8.14 14.04 0.33
C LEU B 175 -7.15 15.07 -0.23
N ARG B 176 -5.87 14.74 -0.18
CA ARG B 176 -4.86 15.68 -0.65
C ARG B 176 -4.91 16.05 -2.12
N THR B 177 -5.42 15.11 -2.91
CA THR B 177 -5.45 15.27 -4.33
C THR B 177 -6.76 15.81 -4.83
N TYR B 178 -7.82 15.19 -4.38
CA TYR B 178 -9.13 15.59 -4.81
C TYR B 178 -9.96 16.34 -3.77
N GLY B 179 -9.46 16.46 -2.54
CA GLY B 179 -10.20 17.18 -1.50
C GLY B 179 -11.25 16.37 -0.79
N LEU B 180 -11.41 15.11 -1.18
CA LEU B 180 -12.41 14.31 -0.48
C LEU B 180 -12.10 14.32 1.02
N PRO B 181 -13.09 14.73 1.84
CA PRO B 181 -12.94 14.82 3.28
C PRO B 181 -12.86 13.42 3.92
N THR B 182 -11.62 12.98 4.13
CA THR B 182 -11.38 11.69 4.73
C THR B 182 -10.68 11.78 6.09
N LEU B 183 -10.98 10.78 6.94
CA LEU B 183 -10.35 10.59 8.25
C LEU B 183 -10.05 9.11 8.46
N ILE B 184 -9.08 8.85 9.33
CA ILE B 184 -8.69 7.49 9.62
C ILE B 184 -8.48 7.22 11.10
N THR B 185 -8.93 6.05 11.51
CA THR B 185 -8.74 5.53 12.85
C THR B 185 -8.09 4.15 12.78
N ASN B 186 -7.09 3.94 13.65
CA ASN B 186 -6.36 2.67 13.77
C ASN B 186 -6.63 2.12 15.16
N CYS B 187 -6.98 0.85 15.28
CA CYS B 187 -7.26 0.31 16.58
C CYS B 187 -6.49 -0.96 16.85
N SER B 188 -6.58 -1.39 18.10
CA SER B 188 -5.91 -2.61 18.57
C SER B 188 -6.92 -3.75 18.49
N ASN B 189 -6.47 -4.90 18.98
CA ASN B 189 -7.32 -6.09 19.00
C ASN B 189 -8.61 -5.85 19.75
N ASN B 190 -9.70 -6.18 19.10
CA ASN B 190 -11.00 -6.01 19.68
C ASN B 190 -11.41 -7.37 20.19
N TYR B 191 -12.35 -7.40 21.17
CA TYR B 191 -12.91 -8.61 21.79
C TYR B 191 -14.32 -8.25 22.26
N GLY B 192 -15.18 -9.22 22.47
CA GLY B 192 -16.51 -8.85 22.88
C GLY B 192 -17.53 -9.82 22.32
N PRO B 193 -18.80 -9.44 22.50
CA PRO B 193 -19.93 -10.22 22.01
C PRO B 193 -19.93 -10.29 20.49
N TYR B 194 -20.50 -11.39 20.02
CA TYR B 194 -20.63 -11.67 18.61
C TYR B 194 -19.30 -11.84 17.93
N HIS B 195 -18.27 -12.20 18.67
CA HIS B 195 -16.96 -12.43 18.10
C HIS B 195 -16.95 -13.88 17.60
N PHE B 196 -16.43 -14.16 16.40
CA PHE B 196 -16.46 -15.52 15.88
C PHE B 196 -15.72 -16.50 16.77
N PRO B 197 -16.32 -17.68 16.93
CA PRO B 197 -15.86 -18.78 17.75
C PRO B 197 -14.43 -19.20 17.53
N GLU B 198 -13.95 -18.98 16.35
CA GLU B 198 -12.61 -19.45 16.14
C GLU B 198 -11.60 -18.45 16.55
N LYS B 199 -12.08 -17.31 17.01
CA LYS B 199 -11.09 -16.32 17.43
C LYS B 199 -10.54 -16.64 18.83
N LEU B 200 -9.37 -16.07 19.13
CA LEU B 200 -8.65 -16.26 20.39
C LEU B 200 -9.49 -16.36 21.68
N ILE B 201 -9.96 -15.23 22.12
CA ILE B 201 -10.78 -15.14 23.29
C ILE B 201 -11.96 -16.11 23.28
N PRO B 202 -12.80 -16.01 22.26
CA PRO B 202 -13.98 -16.85 22.16
C PRO B 202 -13.62 -18.32 22.10
N LEU B 203 -12.51 -18.57 21.46
CA LEU B 203 -12.02 -19.93 21.33
C LEU B 203 -11.77 -20.53 22.70
N MET B 204 -10.97 -19.80 23.47
CA MET B 204 -10.59 -20.21 24.81
C MET B 204 -11.82 -20.52 25.67
N ILE B 205 -12.76 -19.61 25.64
CA ILE B 205 -13.96 -19.78 26.43
C ILE B 205 -14.68 -21.08 26.09
N LEU B 206 -14.90 -21.24 24.80
CA LEU B 206 -15.64 -22.38 24.29
C LEU B 206 -14.93 -23.71 24.47
N ASN B 207 -13.62 -23.68 24.30
CA ASN B 207 -12.89 -24.91 24.48
C ASN B 207 -12.95 -25.35 25.93
N ALA B 208 -12.73 -24.40 26.81
CA ALA B 208 -12.77 -24.64 28.23
C ALA B 208 -14.10 -25.26 28.56
N LEU B 209 -15.18 -24.61 28.15
CA LEU B 209 -16.52 -25.15 28.41
C LEU B 209 -16.66 -26.61 27.95
N ALA B 210 -15.86 -26.93 26.93
CA ALA B 210 -15.87 -28.23 26.30
C ALA B 210 -14.94 -29.21 26.94
N GLY B 211 -14.04 -28.66 27.73
CA GLY B 211 -13.07 -29.45 28.43
C GLY B 211 -11.93 -29.82 27.51
N LYS B 212 -11.56 -28.86 26.67
CA LYS B 212 -10.48 -29.08 25.73
C LYS B 212 -9.27 -28.27 26.04
N SER B 213 -8.15 -28.80 25.64
CA SER B 213 -6.89 -28.16 25.88
C SER B 213 -6.95 -26.68 25.56
N LEU B 214 -6.25 -25.89 26.37
CA LEU B 214 -6.21 -24.45 26.18
C LEU B 214 -4.81 -24.10 25.78
N PRO B 215 -4.57 -24.22 24.51
CA PRO B 215 -3.27 -24.00 23.94
C PRO B 215 -2.76 -22.58 24.07
N VAL B 216 -1.59 -22.49 24.70
CA VAL B 216 -0.88 -21.24 24.93
C VAL B 216 0.58 -21.35 24.46
N TYR B 217 0.90 -20.65 23.37
CA TYR B 217 2.25 -20.70 22.80
C TYR B 217 3.29 -19.81 23.45
N GLY B 218 4.53 -20.22 23.24
CA GLY B 218 5.65 -19.49 23.79
C GLY B 218 5.52 -19.48 25.29
N ASN B 219 6.06 -18.43 25.86
CA ASN B 219 5.97 -18.34 27.30
C ASN B 219 4.54 -17.94 27.61
N GLY B 220 3.85 -17.51 26.57
CA GLY B 220 2.51 -17.02 26.69
C GLY B 220 2.61 -15.56 27.13
N GLN B 221 3.81 -15.02 26.91
CA GLN B 221 4.28 -13.70 27.30
C GLN B 221 4.06 -12.58 26.30
N GLN B 222 3.38 -12.88 25.21
CA GLN B 222 3.11 -11.88 24.21
C GLN B 222 2.06 -10.92 24.75
N ILE B 223 2.37 -9.63 24.67
CA ILE B 223 1.52 -8.58 25.19
C ILE B 223 0.68 -7.88 24.15
N ARG B 224 -0.57 -7.66 24.49
CA ARG B 224 -1.49 -6.98 23.60
C ARG B 224 -2.39 -6.02 24.38
N ASP B 225 -2.88 -5.05 23.65
CA ASP B 225 -3.84 -4.05 24.12
C ASP B 225 -5.18 -4.55 23.57
N TRP B 226 -6.11 -4.81 24.48
CA TRP B 226 -7.40 -5.34 24.13
C TRP B 226 -8.45 -4.28 24.23
N LEU B 227 -9.14 -4.05 23.12
CA LEU B 227 -10.18 -3.05 23.10
C LEU B 227 -11.54 -3.72 22.98
N TYR B 228 -12.41 -3.34 23.88
CA TYR B 228 -13.73 -3.89 23.91
C TYR B 228 -14.56 -3.36 22.74
N VAL B 229 -15.18 -4.31 22.02
CA VAL B 229 -15.96 -3.95 20.86
C VAL B 229 -16.86 -2.71 21.01
N GLU B 230 -17.69 -2.74 22.06
CA GLU B 230 -18.61 -1.66 22.35
C GLU B 230 -17.89 -0.36 22.56
N ASP B 231 -16.70 -0.46 23.10
CA ASP B 231 -16.00 0.79 23.31
C ASP B 231 -15.48 1.34 21.97
N HIS B 232 -15.15 0.40 21.09
CA HIS B 232 -14.62 0.74 19.79
C HIS B 232 -15.73 1.43 19.00
N ALA B 233 -16.87 0.76 18.99
CA ALA B 233 -18.02 1.30 18.33
C ALA B 233 -18.29 2.74 18.74
N ARG B 234 -18.31 2.98 20.04
CA ARG B 234 -18.55 4.31 20.50
C ARG B 234 -17.55 5.34 20.00
N ALA B 235 -16.26 5.02 20.03
CA ALA B 235 -15.24 5.96 19.56
C ALA B 235 -15.33 6.24 18.04
N LEU B 236 -15.74 5.23 17.27
CA LEU B 236 -15.87 5.37 15.83
C LEU B 236 -16.90 6.46 15.54
N TYR B 237 -18.06 6.30 16.16
CA TYR B 237 -19.12 7.28 15.98
C TYR B 237 -18.67 8.66 16.38
N CYS B 238 -17.84 8.68 17.37
CA CYS B 238 -17.44 9.95 17.82
C CYS B 238 -16.57 10.61 16.82
N VAL B 239 -15.60 9.85 16.32
CA VAL B 239 -14.64 10.36 15.34
C VAL B 239 -15.35 10.81 14.07
N ALA B 240 -16.27 10.00 13.63
CA ALA B 240 -17.02 10.33 12.46
C ALA B 240 -17.77 11.65 12.63
N THR B 241 -18.68 11.70 13.60
CA THR B 241 -19.51 12.87 13.86
C THR B 241 -18.78 14.11 14.34
N THR B 242 -17.64 13.96 15.01
CA THR B 242 -16.99 15.15 15.54
C THR B 242 -15.54 15.25 15.16
N GLY B 243 -15.02 14.14 14.64
CA GLY B 243 -13.63 14.08 14.25
C GLY B 243 -13.29 15.11 13.19
N LYS B 244 -12.04 15.49 13.17
CA LYS B 244 -11.58 16.50 12.23
C LYS B 244 -10.94 15.96 10.96
N VAL B 245 -11.45 16.38 9.79
CA VAL B 245 -10.93 16.00 8.47
C VAL B 245 -9.40 16.04 8.31
N GLY B 246 -8.87 14.95 7.74
CA GLY B 246 -7.42 14.81 7.51
C GLY B 246 -6.64 14.30 8.71
N GLU B 247 -7.33 14.08 9.82
CA GLU B 247 -6.71 13.61 11.05
C GLU B 247 -6.79 12.11 11.19
N THR B 248 -5.81 11.59 11.91
CA THR B 248 -5.80 10.18 12.21
C THR B 248 -5.93 10.08 13.71
N TYR B 249 -6.60 9.05 14.18
CA TYR B 249 -6.75 8.83 15.60
C TYR B 249 -6.58 7.36 15.98
N ASN B 250 -5.68 7.06 16.90
CA ASN B 250 -5.54 5.68 17.34
C ASN B 250 -6.62 5.46 18.40
N ILE B 251 -7.12 4.24 18.48
CA ILE B 251 -8.11 3.88 19.47
C ILE B 251 -7.67 2.60 20.17
N GLY B 252 -7.44 2.67 21.48
CA GLY B 252 -6.99 1.50 22.24
C GLY B 252 -7.80 1.27 23.51
N GLY B 253 -7.60 0.09 24.14
CA GLY B 253 -8.32 -0.31 25.35
C GLY B 253 -7.68 0.22 26.63
N HIS B 254 -6.56 0.91 26.46
CA HIS B 254 -5.78 1.49 27.51
C HIS B 254 -5.23 0.43 28.43
N ASN B 255 -4.74 -0.67 27.86
CA ASN B 255 -4.22 -1.73 28.67
C ASN B 255 -3.18 -2.50 27.93
N GLU B 256 -2.48 -3.28 28.71
CA GLU B 256 -1.43 -4.16 28.26
C GLU B 256 -1.55 -5.43 29.08
N ARG B 257 -1.91 -6.51 28.39
CA ARG B 257 -2.09 -7.79 29.03
C ARG B 257 -1.34 -8.88 28.28
N LYS B 258 -0.70 -9.74 29.07
CA LYS B 258 0.04 -10.84 28.51
C LYS B 258 -0.97 -11.89 28.17
N ASN B 259 -0.59 -12.74 27.25
CA ASN B 259 -1.48 -13.80 26.79
C ASN B 259 -1.91 -14.80 27.86
N LEU B 260 -0.97 -15.14 28.72
CA LEU B 260 -1.27 -16.04 29.78
C LEU B 260 -2.35 -15.41 30.68
N ASP B 261 -2.22 -14.09 30.94
CA ASP B 261 -3.17 -13.36 31.76
C ASP B 261 -4.58 -13.52 31.21
N VAL B 262 -4.64 -13.49 29.87
CA VAL B 262 -5.89 -13.60 29.14
C VAL B 262 -6.58 -14.93 29.42
N VAL B 263 -5.79 -16.00 29.25
CA VAL B 263 -6.33 -17.33 29.48
C VAL B 263 -6.67 -17.61 30.95
N GLU B 264 -5.79 -17.12 31.85
CA GLU B 264 -6.01 -17.31 33.28
C GLU B 264 -7.33 -16.65 33.66
N THR B 265 -7.47 -15.40 33.23
CA THR B 265 -8.67 -14.63 33.50
C THR B 265 -9.94 -15.38 33.12
N ILE B 266 -9.91 -15.88 31.90
CA ILE B 266 -11.05 -16.60 31.37
C ILE B 266 -11.35 -17.82 32.25
N CYS B 267 -10.28 -18.49 32.63
CA CYS B 267 -10.40 -19.66 33.49
C CYS B 267 -10.98 -19.24 34.84
N GLU B 268 -10.42 -18.18 35.39
CA GLU B 268 -10.88 -17.66 36.67
C GLU B 268 -12.34 -17.26 36.62
N LEU B 269 -12.72 -16.64 35.52
CA LEU B 269 -14.10 -16.21 35.39
C LEU B 269 -15.04 -17.37 35.22
N LEU B 270 -14.56 -18.42 34.53
CA LEU B 270 -15.37 -19.61 34.26
C LEU B 270 -15.67 -20.40 35.51
N GLU B 271 -14.67 -20.46 36.37
CA GLU B 271 -14.79 -21.13 37.65
C GLU B 271 -15.96 -20.54 38.41
N GLU B 272 -16.06 -19.23 38.36
CA GLU B 272 -17.13 -18.54 39.04
C GLU B 272 -18.47 -18.65 38.31
N LEU B 273 -18.44 -18.35 37.02
CA LEU B 273 -19.66 -18.36 36.22
C LEU B 273 -20.10 -19.69 35.66
N ALA B 274 -19.17 -20.62 35.51
CA ALA B 274 -19.51 -21.95 35.03
C ALA B 274 -19.01 -23.01 36.00
N PRO B 275 -19.54 -22.96 37.21
CA PRO B 275 -19.15 -23.85 38.27
C PRO B 275 -19.07 -25.32 37.84
N ASN B 276 -20.17 -25.88 37.35
CA ASN B 276 -20.21 -27.28 36.94
C ASN B 276 -19.27 -27.52 35.76
N LYS B 277 -18.08 -28.08 36.01
CA LYS B 277 -17.13 -28.30 34.94
C LYS B 277 -17.30 -29.59 34.16
N PRO B 278 -16.71 -29.61 32.97
CA PRO B 278 -16.77 -30.75 32.12
C PRO B 278 -16.25 -31.99 32.81
N HIS B 279 -16.67 -33.10 32.25
CA HIS B 279 -16.30 -34.38 32.77
C HIS B 279 -14.81 -34.55 32.96
N GLY B 280 -14.43 -34.90 34.18
CA GLY B 280 -13.05 -35.16 34.48
C GLY B 280 -12.15 -33.94 34.35
N VAL B 281 -12.65 -32.81 34.85
CA VAL B 281 -11.89 -31.58 34.92
C VAL B 281 -12.01 -30.96 36.32
N ALA B 282 -10.88 -30.93 37.04
CA ALA B 282 -10.81 -30.41 38.41
C ALA B 282 -11.00 -28.92 38.42
N HIS B 283 -10.12 -28.30 37.65
CA HIS B 283 -10.10 -26.86 37.49
C HIS B 283 -9.81 -26.53 36.03
N TYR B 284 -10.53 -25.54 35.49
CA TYR B 284 -10.36 -25.09 34.13
C TYR B 284 -8.90 -24.84 33.80
N ARG B 285 -8.20 -24.25 34.74
CA ARG B 285 -6.80 -23.92 34.57
C ARG B 285 -5.92 -25.14 34.30
N ASP B 286 -6.50 -26.32 34.52
CA ASP B 286 -5.79 -27.57 34.26
C ASP B 286 -5.65 -27.84 32.75
N LEU B 287 -6.48 -27.15 31.95
CA LEU B 287 -6.56 -27.27 30.49
C LEU B 287 -5.50 -26.48 29.74
N ILE B 288 -4.89 -25.52 30.40
CA ILE B 288 -3.83 -24.71 29.82
C ILE B 288 -2.60 -25.53 29.45
N THR B 289 -2.37 -25.60 28.15
CA THR B 289 -1.26 -26.31 27.53
C THR B 289 -0.24 -25.37 26.92
N PHE B 290 1.03 -25.63 27.20
CA PHE B 290 2.12 -24.82 26.67
C PHE B 290 2.72 -25.43 25.41
N VAL B 291 2.22 -24.92 24.30
CA VAL B 291 2.62 -25.36 22.98
C VAL B 291 3.63 -24.43 22.35
N ALA B 292 4.47 -23.87 23.23
CA ALA B 292 5.54 -22.97 22.84
C ALA B 292 6.57 -23.79 22.05
N LEU B 299 6.77 -10.83 21.64
CA LEU B 299 6.12 -9.72 20.94
C LEU B 299 5.11 -8.98 21.80
N ARG B 300 5.21 -7.67 21.68
CA ARG B 300 4.39 -6.72 22.39
C ARG B 300 3.77 -5.72 21.42
N TYR B 301 2.50 -5.45 21.65
CA TYR B 301 1.75 -4.51 20.85
C TYR B 301 0.83 -3.64 21.71
N ALA B 302 1.23 -2.39 21.90
CA ALA B 302 0.46 -1.46 22.71
C ALA B 302 0.35 -0.11 22.04
N ILE B 303 -0.88 0.42 22.13
CA ILE B 303 -1.30 1.68 21.55
C ILE B 303 -1.43 2.81 22.56
N ASP B 304 -1.12 3.99 22.07
CA ASP B 304 -1.21 5.23 22.81
C ASP B 304 -2.36 6.04 22.22
N ALA B 305 -3.51 5.90 22.87
CA ALA B 305 -4.73 6.58 22.48
C ALA B 305 -4.98 7.89 23.21
N SER B 306 -3.93 8.69 23.44
CA SER B 306 -4.08 9.97 24.13
C SER B 306 -4.62 11.09 23.25
N LYS B 307 -4.24 11.09 21.94
CA LYS B 307 -4.70 12.11 21.01
C LYS B 307 -6.23 12.18 21.04
N ILE B 308 -6.86 11.02 20.87
CA ILE B 308 -8.32 10.97 20.82
C ILE B 308 -8.97 11.42 22.09
N ALA B 309 -8.41 10.93 23.18
CA ALA B 309 -8.94 11.29 24.49
C ALA B 309 -8.90 12.82 24.68
N ARG B 310 -7.72 13.38 24.43
CA ARG B 310 -7.43 14.81 24.48
C ARG B 310 -8.35 15.64 23.60
N GLU B 311 -8.23 15.42 22.30
CA GLU B 311 -8.98 16.14 21.33
C GLU B 311 -10.47 15.88 21.28
N LEU B 312 -10.85 14.61 21.27
CA LEU B 312 -12.26 14.28 21.17
C LEU B 312 -12.86 13.90 22.50
N GLY B 313 -12.01 13.80 23.50
CA GLY B 313 -12.47 13.44 24.80
C GLY B 313 -13.24 12.13 24.84
N CYS B 314 -12.92 11.11 24.03
CA CYS B 314 -13.64 9.82 24.10
C CYS B 314 -12.67 8.72 24.52
N VAL B 315 -12.85 8.25 25.77
CA VAL B 315 -12.02 7.23 26.39
C VAL B 315 -12.84 5.97 26.60
N PRO B 316 -12.18 4.82 26.62
CA PRO B 316 -12.89 3.58 26.80
C PRO B 316 -13.67 3.63 28.11
N GLN B 317 -14.76 2.93 28.14
CA GLN B 317 -15.60 2.86 29.29
C GLN B 317 -15.35 1.62 30.13
N GLU B 318 -14.77 0.60 29.53
CA GLU B 318 -14.48 -0.62 30.24
C GLU B 318 -13.00 -0.72 30.52
N THR B 319 -12.68 -1.78 31.31
CA THR B 319 -11.32 -2.17 31.63
C THR B 319 -11.24 -3.57 31.07
N PHE B 320 -10.01 -4.11 31.00
CA PHE B 320 -9.83 -5.48 30.54
C PHE B 320 -10.75 -6.37 31.36
N GLU B 321 -10.69 -6.13 32.68
CA GLU B 321 -11.44 -6.89 33.67
C GLU B 321 -12.94 -6.77 33.47
N SER B 322 -13.46 -5.54 33.44
CA SER B 322 -14.91 -5.44 33.24
C SER B 322 -15.37 -6.03 31.88
N GLY B 323 -14.59 -5.75 30.81
CA GLY B 323 -14.91 -6.26 29.48
C GLY B 323 -14.86 -7.76 29.44
N MET B 324 -13.79 -8.33 29.98
CA MET B 324 -13.74 -9.79 30.00
C MET B 324 -14.96 -10.46 30.64
N ARG B 325 -15.35 -9.91 31.79
CA ARG B 325 -16.45 -10.47 32.52
C ARG B 325 -17.70 -10.48 31.64
N LYS B 326 -17.95 -9.30 31.05
CA LYS B 326 -19.10 -9.16 30.17
C LYS B 326 -19.08 -10.18 29.01
N THR B 327 -17.90 -10.35 28.43
CA THR B 327 -17.71 -11.24 27.32
C THR B 327 -18.01 -12.67 27.68
N VAL B 328 -17.51 -13.07 28.86
CA VAL B 328 -17.77 -14.44 29.30
C VAL B 328 -19.24 -14.66 29.57
N GLN B 329 -19.86 -13.66 30.22
CA GLN B 329 -21.27 -13.79 30.46
C GLN B 329 -22.02 -13.94 29.13
N TRP B 330 -21.67 -13.10 28.14
CA TRP B 330 -22.31 -13.10 26.82
C TRP B 330 -22.29 -14.49 26.22
N TYR B 331 -21.12 -15.08 26.22
CA TYR B 331 -21.02 -16.40 25.65
C TYR B 331 -21.91 -17.42 26.29
N LEU B 332 -21.95 -17.37 27.62
CA LEU B 332 -22.77 -18.31 28.36
C LEU B 332 -24.27 -18.05 28.08
N ALA B 333 -24.61 -16.77 27.92
CA ALA B 333 -25.99 -16.38 27.68
C ALA B 333 -26.47 -16.60 26.25
N ASN B 334 -25.56 -16.40 25.28
CA ASN B 334 -25.91 -16.50 23.88
C ASN B 334 -25.30 -17.66 23.20
N GLU B 335 -25.70 -18.82 23.61
CA GLU B 335 -25.19 -20.04 23.04
C GLU B 335 -25.70 -20.36 21.64
N SER B 336 -26.94 -19.94 21.37
CA SER B 336 -27.63 -20.14 20.11
C SER B 336 -26.82 -19.59 18.95
N TRP B 337 -26.24 -18.40 19.18
CA TRP B 337 -25.43 -17.72 18.22
C TRP B 337 -24.17 -18.48 17.86
N TRP B 338 -23.32 -18.68 18.84
CA TRP B 338 -22.08 -19.36 18.56
C TRP B 338 -22.27 -20.74 17.98
N LYS B 339 -23.36 -21.37 18.39
CA LYS B 339 -23.62 -22.69 17.91
C LYS B 339 -24.00 -22.61 16.43
N GLN B 340 -24.84 -21.66 16.09
CA GLN B 340 -25.26 -21.50 14.71
C GLN B 340 -24.07 -21.24 13.83
N VAL B 341 -23.13 -20.48 14.35
CA VAL B 341 -21.95 -20.17 13.57
C VAL B 341 -21.11 -21.40 13.35
N GLN B 342 -20.93 -22.18 14.41
CA GLN B 342 -20.14 -23.41 14.32
C GLN B 342 -20.83 -24.39 13.39
N ASP B 343 -22.14 -24.36 13.46
CA ASP B 343 -22.99 -25.19 12.63
C ASP B 343 -22.73 -24.86 11.17
N GLY B 344 -22.72 -23.56 10.87
CA GLY B 344 -22.53 -23.07 9.54
C GLY B 344 -23.85 -22.56 9.01
N SER B 345 -24.89 -22.87 9.77
CA SER B 345 -26.26 -22.51 9.46
C SER B 345 -26.53 -21.02 9.51
N TYR B 346 -25.56 -20.29 10.03
CA TYR B 346 -25.71 -18.86 10.14
C TYR B 346 -25.76 -18.16 8.79
N GLN B 347 -24.97 -18.73 7.88
CA GLN B 347 -24.82 -18.24 6.53
C GLN B 347 -26.13 -18.19 5.77
N GLY B 348 -26.87 -19.27 5.92
CA GLY B 348 -28.13 -19.43 5.25
C GLY B 348 -29.29 -18.75 5.97
N GLU B 349 -29.01 -17.75 6.80
CA GLU B 349 -30.06 -17.06 7.51
C GLU B 349 -30.59 -15.86 6.74
N ARG B 350 -31.82 -15.48 7.13
CA ARG B 350 -32.58 -14.37 6.56
C ARG B 350 -32.77 -13.24 7.60
#